data_7FJS
#
_entry.id   7FJS
#
_cell.length_a   97.103
_cell.length_b   109.613
_cell.length_c   162.581
_cell.angle_alpha   90.000
_cell.angle_beta   90.000
_cell.angle_gamma   90.000
#
_symmetry.space_group_name_H-M   'P 21 21 21'
#
loop_
_entity.id
_entity.type
_entity.pdbx_description
1 polymer 'T6 light chain'
2 polymer 'Spike protein S1'
3 polymer 'T6 heavy chain'
4 non-polymer 2-acetamido-2-deoxy-beta-D-glucopyranose
#
loop_
_entity_poly.entity_id
_entity_poly.type
_entity_poly.pdbx_seq_one_letter_code
_entity_poly.pdbx_strand_id
1 'polypeptide(L)'
;RTVAAPSVFIFPPSDEQLKSGTASVVCLLNNFYPREAKVQWKVDNALQSGNSQESVTEQDSKDSTYSLSSTLTLSKADYE
KHKVYACEVTHQGLSSPVTKSFNRGECQIVLTQSPSSLAVSVGEKVTLSCKSSQSLLYSNNQKNYLAWYQQKSGRSPKLL
LHWTSTRESGVPDRFTGSGSGTDFTLTISSVKAEDLAVYYCQQYYTYPWTFGGGTKLEIKRTVAAPSVFIFPPSDEQLKS
GTASVVCLLNNFYPREAKVQWKVDNALQSGNSQESVTEQDSKDSTYSLSSTLTLSKADYEKHKVYACEVTHQGLSSPVTK
SFNRGEC
;
L,A
2 'polypeptide(L)'
;TNLCPFGEVFNATRFASVYAWNRKRISNCVADYSVLYNSASFSTFKCYGVSPTKLNDLCFTNVYADSFVIRGDEVRQIAP
GQTGNIADYNYKLPDDFTGCVIAWNSNNLDSKVGGNYNYLYRLFRKSNLKPFERDISTEIYQAGSTPCNGVKGFNCYFPL
QSYGFQPTYGVGYQPYRVVVLSFELLHAPATVCGP
;
E,B
3 'polypeptide(L)'
;QVQLQQPGTELVNPGASLKMSCKTSGYRFTSYIIHWVKQTPGQGLEWIGAIFPENDDTSYSQKFKGKATLTTDTSSSTAY
MQLSSLTSEDSAVYYCARDGENVLDYWGQGTSVTVSSASTKGPSVFPLAPSSKSTSGGTAALGCLVKDYFPEPVTVSWNS
GALTSGVHTFPAVLQSSGLYSLSSVVTVPSSSLGTQTYICNVNHKPSNTKVDKRVE
;
H,C
#
loop_
_chem_comp.id
_chem_comp.type
_chem_comp.name
_chem_comp.formula
NAG D-saccharide, beta linking 2-acetamido-2-deoxy-beta-D-glucopyranose 'C8 H15 N O6'
#
# COMPACT_ATOMS: atom_id res chain seq x y z
N GLN A 108 23.51 -5.45 -22.27
CA GLN A 108 22.19 -5.51 -21.58
C GLN A 108 22.21 -4.56 -20.37
N ILE A 109 21.27 -3.61 -20.32
CA ILE A 109 21.17 -2.68 -19.16
C ILE A 109 20.66 -3.47 -17.98
N VAL A 110 21.21 -3.21 -16.80
CA VAL A 110 20.82 -3.97 -15.57
C VAL A 110 20.11 -3.02 -14.62
N LEU A 111 18.88 -3.37 -14.22
CA LEU A 111 18.11 -2.55 -13.27
C LEU A 111 18.10 -3.33 -11.96
N THR A 112 18.54 -2.70 -10.87
CA THR A 112 18.64 -3.37 -9.56
C THR A 112 17.61 -2.76 -8.61
N GLN A 113 16.72 -3.60 -8.10
CA GLN A 113 15.70 -3.11 -7.15
C GLN A 113 16.05 -3.59 -5.73
N SER A 114 16.17 -2.65 -4.79
CA SER A 114 16.42 -2.99 -3.37
C SER A 114 15.35 -2.27 -2.53
N PRO A 115 14.83 -2.86 -1.42
CA PRO A 115 14.91 -4.30 -1.11
C PRO A 115 14.07 -5.15 -2.07
N SER A 116 14.32 -6.45 -2.12
CA SER A 116 13.47 -7.34 -2.95
C SER A 116 12.08 -7.38 -2.33
N SER A 117 12.00 -7.28 -1.01
CA SER A 117 10.70 -7.27 -0.32
C SER A 117 10.77 -6.31 0.87
N LEU A 118 9.67 -5.62 1.15
CA LEU A 118 9.61 -4.75 2.35
C LEU A 118 8.23 -4.90 2.96
N ALA A 119 8.12 -4.76 4.27
CA ALA A 119 6.81 -4.81 4.94
C ALA A 119 6.59 -3.45 5.58
N VAL A 120 5.43 -2.85 5.37
CA VAL A 120 5.18 -1.48 5.88
C VAL A 120 3.80 -1.41 6.50
N SER A 121 3.61 -0.45 7.40
CA SER A 121 2.31 -0.23 8.06
C SER A 121 1.39 0.60 7.16
N VAL A 122 0.09 0.52 7.38
CA VAL A 122 -0.84 1.40 6.61
C VAL A 122 -0.63 2.86 7.05
N GLY A 123 -0.57 3.80 6.10
CA GLY A 123 -0.37 5.22 6.40
C GLY A 123 1.09 5.57 6.36
N GLU A 124 1.93 4.57 6.14
CA GLU A 124 3.39 4.79 6.10
C GLU A 124 3.80 5.26 4.71
N LYS A 125 4.95 5.90 4.61
CA LYS A 125 5.50 6.33 3.31
C LYS A 125 6.53 5.30 2.90
N VAL A 126 6.45 4.83 1.66
CA VAL A 126 7.40 3.80 1.15
C VAL A 126 8.17 4.40 0.00
N THR A 127 9.48 4.24 0.01
CA THR A 127 10.31 4.67 -1.13
C THR A 127 10.96 3.40 -1.67
N LEU A 128 10.78 3.12 -2.96
CA LEU A 128 11.35 1.91 -3.60
C LEU A 128 12.38 2.38 -4.60
N SER A 129 13.49 1.67 -4.72
CA SER A 129 14.61 2.14 -5.57
C SER A 129 14.83 1.32 -6.82
N CYS A 130 15.23 1.97 -7.91
CA CYS A 130 15.64 1.30 -9.16
C CYS A 130 16.99 1.93 -9.49
N LYS A 131 18.03 1.12 -9.63
CA LYS A 131 19.37 1.64 -9.99
C LYS A 131 19.78 1.01 -11.32
N SER A 132 20.27 1.82 -12.25
CA SER A 132 20.60 1.31 -13.60
C SER A 132 22.10 1.31 -13.88
N SER A 133 22.56 0.34 -14.65
CA SER A 133 23.97 0.25 -15.07
C SER A 133 24.32 1.41 -16.00
N GLN A 134 23.36 1.80 -16.84
CA GLN A 134 23.60 2.86 -17.82
C GLN A 134 22.62 4.01 -17.56
N SER A 135 22.97 5.22 -17.99
CA SER A 135 22.07 6.39 -17.82
C SER A 135 20.86 6.26 -18.74
N LEU A 136 19.68 6.52 -18.20
CA LEU A 136 18.43 6.37 -18.98
C LEU A 136 17.97 7.77 -19.39
N LEU A 137 18.83 8.77 -19.23
CA LEU A 137 18.50 10.17 -19.57
C LEU A 137 18.73 10.42 -21.06
N TYR A 138 17.73 10.98 -21.74
CA TYR A 138 17.90 11.35 -23.15
C TYR A 138 18.22 12.84 -23.14
N SER A 139 19.37 13.20 -23.68
CA SER A 139 19.86 14.60 -23.64
C SER A 139 18.94 15.51 -24.43
N ASN A 140 18.41 15.01 -25.54
CA ASN A 140 17.61 15.86 -26.45
C ASN A 140 16.35 16.39 -25.78
N ASN A 141 15.68 15.61 -24.95
CA ASN A 141 14.37 16.03 -24.37
C ASN A 141 14.48 16.26 -22.85
N GLN A 142 15.58 15.87 -22.22
CA GLN A 142 15.70 15.91 -20.74
C GLN A 142 14.62 15.04 -20.10
N LYS A 143 14.36 13.88 -20.72
CA LYS A 143 13.39 12.91 -20.17
C LYS A 143 14.15 11.63 -19.83
N ASN A 144 13.73 10.97 -18.75
CA ASN A 144 14.38 9.70 -18.33
C ASN A 144 13.48 8.56 -18.77
N TYR A 145 14.02 7.64 -19.55
CA TYR A 145 13.18 6.56 -20.12
C TYR A 145 13.09 5.36 -19.17
N LEU A 146 12.42 5.55 -18.04
CA LEU A 146 12.19 4.46 -17.08
C LEU A 146 10.69 4.42 -16.80
N ALA A 147 10.15 3.23 -16.63
CA ALA A 147 8.73 3.07 -16.33
C ALA A 147 8.53 2.21 -15.08
N TRP A 148 7.37 2.36 -14.45
CA TRP A 148 7.06 1.61 -13.21
C TRP A 148 5.77 0.85 -13.44
N TYR A 149 5.73 -0.40 -12.98
CA TYR A 149 4.52 -1.26 -13.13
C TYR A 149 4.13 -1.84 -11.79
N GLN A 150 2.85 -2.15 -11.62
CA GLN A 150 2.37 -2.80 -10.37
C GLN A 150 1.75 -4.13 -10.76
N GLN A 151 2.21 -5.22 -10.16
CA GLN A 151 1.55 -6.52 -10.42
C GLN A 151 0.94 -7.03 -9.14
N LYS A 152 -0.39 -6.95 -9.03
CA LYS A 152 -1.09 -7.52 -7.87
C LYS A 152 -1.20 -9.03 -8.10
N SER A 153 -1.39 -9.78 -7.04
CA SER A 153 -1.42 -11.26 -7.17
C SER A 153 -2.58 -11.69 -8.05
N GLY A 154 -2.35 -12.64 -8.94
CA GLY A 154 -3.41 -13.17 -9.81
C GLY A 154 -3.78 -12.24 -10.93
N ARG A 155 -2.98 -11.20 -11.15
CA ARG A 155 -3.33 -10.17 -12.16
C ARG A 155 -2.11 -9.86 -13.03
N SER A 156 -2.34 -9.19 -14.16
CA SER A 156 -1.27 -8.81 -15.09
C SER A 156 -0.59 -7.53 -14.63
N PRO A 157 0.61 -7.18 -15.15
CA PRO A 157 1.24 -5.92 -14.80
C PRO A 157 0.48 -4.70 -15.31
N LYS A 158 0.45 -3.61 -14.53
CA LYS A 158 -0.23 -2.36 -14.92
C LYS A 158 0.76 -1.20 -14.83
N LEU A 159 0.82 -0.34 -15.84
CA LEU A 159 1.72 0.83 -15.84
C LEU A 159 1.26 1.83 -14.79
N LEU A 160 2.17 2.27 -13.93
CA LEU A 160 1.84 3.33 -12.97
C LEU A 160 2.44 4.63 -13.48
N LEU A 161 3.72 4.60 -13.85
CA LEU A 161 4.41 5.84 -14.25
C LEU A 161 5.28 5.65 -15.47
N HIS A 162 5.39 6.68 -16.30
CA HIS A 162 6.26 6.66 -17.51
C HIS A 162 7.09 7.93 -17.47
N TRP A 163 8.26 7.93 -18.10
CA TRP A 163 9.19 9.09 -18.07
C TRP A 163 9.55 9.38 -16.62
N THR A 164 9.65 8.32 -15.81
CA THR A 164 10.04 8.43 -14.38
C THR A 164 8.91 9.01 -13.52
N SER A 165 8.39 10.18 -13.86
CA SER A 165 7.44 10.89 -12.98
C SER A 165 6.03 11.05 -13.51
N THR A 166 5.75 10.67 -14.75
CA THR A 166 4.42 10.95 -15.32
C THR A 166 3.44 9.82 -15.00
N ARG A 167 2.45 10.12 -14.18
CA ARG A 167 1.44 9.12 -13.76
C ARG A 167 0.39 8.91 -14.86
N GLU A 168 -0.12 7.69 -14.97
CA GLU A 168 -1.16 7.37 -15.97
C GLU A 168 -2.52 7.82 -15.47
N SER A 169 -3.46 7.96 -16.38
CA SER A 169 -4.84 8.29 -15.98
C SER A 169 -5.40 7.14 -15.15
N GLY A 170 -6.06 7.45 -14.04
CA GLY A 170 -6.66 6.42 -13.20
C GLY A 170 -5.74 5.99 -12.09
N VAL A 171 -4.50 6.46 -12.12
CA VAL A 171 -3.55 5.96 -11.11
C VAL A 171 -3.64 6.91 -9.92
N PRO A 172 -3.72 6.39 -8.69
CA PRO A 172 -3.90 7.25 -7.53
C PRO A 172 -2.80 8.28 -7.31
N ASP A 173 -3.15 9.42 -6.71
CA ASP A 173 -2.20 10.54 -6.50
C ASP A 173 -1.03 10.17 -5.58
N ARG A 174 -1.21 9.16 -4.73
CA ARG A 174 -0.17 8.73 -3.76
C ARG A 174 1.06 8.24 -4.50
N PHE A 175 0.88 7.65 -5.67
CA PHE A 175 2.02 7.10 -6.44
C PHE A 175 2.77 8.23 -7.13
N THR A 176 4.06 8.35 -6.83
CA THR A 176 4.89 9.43 -7.39
C THR A 176 6.18 8.80 -7.86
N GLY A 177 6.79 9.33 -8.92
CA GLY A 177 8.06 8.81 -9.41
C GLY A 177 9.12 9.89 -9.42
N SER A 178 10.38 9.51 -9.14
CA SER A 178 11.47 10.49 -9.05
C SER A 178 12.78 9.89 -9.52
N GLY A 179 13.74 10.74 -9.84
CA GLY A 179 15.09 10.27 -10.22
C GLY A 179 15.59 10.81 -11.54
N SER A 180 16.90 10.68 -11.76
CA SER A 180 17.49 11.08 -13.05
C SER A 180 18.70 10.19 -13.29
N GLY A 181 19.07 9.97 -14.54
CA GLY A 181 20.29 9.20 -14.85
C GLY A 181 20.21 7.74 -14.48
N THR A 182 20.89 7.37 -13.40
CA THR A 182 20.98 5.94 -12.99
C THR A 182 20.14 5.65 -11.75
N ASP A 183 19.90 6.62 -10.88
CA ASP A 183 19.20 6.34 -9.60
C ASP A 183 17.77 6.84 -9.63
N PHE A 184 16.79 5.93 -9.58
CA PHE A 184 15.35 6.29 -9.65
C PHE A 184 14.60 5.73 -8.43
N THR A 185 13.50 6.37 -8.05
CA THR A 185 12.73 5.98 -6.84
C THR A 185 11.22 6.04 -7.10
N LEU A 186 10.43 5.16 -6.49
CA LEU A 186 8.95 5.26 -6.56
C LEU A 186 8.46 5.52 -5.14
N THR A 187 7.67 6.57 -4.96
CA THR A 187 7.24 6.95 -3.59
C THR A 187 5.74 6.71 -3.42
N ILE A 188 5.36 5.98 -2.38
CA ILE A 188 3.93 5.83 -2.04
C ILE A 188 3.75 6.58 -0.72
N SER A 189 2.89 7.60 -0.72
CA SER A 189 2.62 8.40 0.50
C SER A 189 1.33 7.84 1.08
N SER A 190 1.31 7.56 2.39
CA SER A 190 0.12 6.92 2.96
C SER A 190 -0.21 5.63 2.22
N VAL A 191 0.62 4.61 2.39
CA VAL A 191 0.36 3.29 1.76
C VAL A 191 -0.99 2.77 2.22
N LYS A 192 -1.74 2.16 1.30
CA LYS A 192 -3.07 1.60 1.62
C LYS A 192 -2.98 0.07 1.53
N ALA A 193 -3.94 -0.65 2.08
CA ALA A 193 -3.89 -2.13 2.13
C ALA A 193 -4.00 -2.76 0.74
N GLU A 194 -4.63 -2.07 -0.21
CA GLU A 194 -4.81 -2.60 -1.58
C GLU A 194 -3.50 -2.41 -2.35
N ASP A 195 -2.54 -1.73 -1.75
CA ASP A 195 -1.26 -1.41 -2.44
C ASP A 195 -0.34 -2.61 -2.32
N LEU A 196 -0.85 -3.71 -1.77
CA LEU A 196 -0.06 -4.95 -1.68
C LEU A 196 0.13 -5.47 -3.10
N ALA A 197 1.37 -5.49 -3.55
CA ALA A 197 1.67 -5.92 -4.93
C ALA A 197 3.17 -6.04 -5.11
N VAL A 198 3.59 -6.54 -6.24
CA VAL A 198 5.05 -6.55 -6.57
C VAL A 198 5.27 -5.45 -7.59
N TYR A 199 6.20 -4.53 -7.32
CA TYR A 199 6.41 -3.37 -8.20
C TYR A 199 7.66 -3.55 -9.06
N TYR A 200 7.52 -3.33 -10.36
CA TYR A 200 8.64 -3.55 -11.30
C TYR A 200 9.05 -2.25 -12.03
N CYS A 201 10.35 -2.07 -12.26
CA CYS A 201 10.87 -0.89 -13.02
C CYS A 201 11.38 -1.40 -14.36
N GLN A 202 11.04 -0.69 -15.44
CA GLN A 202 11.45 -1.09 -16.80
C GLN A 202 12.13 0.08 -17.50
N GLN A 203 13.12 -0.23 -18.35
CA GLN A 203 13.80 0.82 -19.12
C GLN A 203 13.44 0.68 -20.60
N TYR A 204 13.10 1.78 -21.25
CA TYR A 204 12.79 1.78 -22.70
C TYR A 204 13.78 2.69 -23.42
N TYR A 205 14.91 2.96 -22.79
CA TYR A 205 15.93 3.86 -23.39
C TYR A 205 16.56 3.18 -24.59
N THR A 206 16.82 1.90 -24.43
CA THR A 206 17.47 1.13 -25.50
C THR A 206 16.82 -0.25 -25.58
N TYR A 207 16.94 -0.90 -26.72
CA TYR A 207 16.52 -2.31 -26.84
C TYR A 207 17.86 -3.06 -26.81
N PRO A 208 18.09 -4.11 -26.01
CA PRO A 208 17.04 -4.84 -25.31
C PRO A 208 16.33 -4.16 -24.15
N TRP A 209 15.00 -4.26 -24.10
CA TRP A 209 14.22 -3.68 -22.98
C TRP A 209 14.46 -4.55 -21.76
N THR A 210 14.64 -3.93 -20.59
CA THR A 210 14.99 -4.70 -19.38
C THR A 210 14.07 -4.35 -18.21
N PHE A 211 13.85 -5.31 -17.32
CA PHE A 211 12.98 -5.12 -16.14
C PHE A 211 13.78 -5.46 -14.90
N GLY A 212 13.46 -4.83 -13.78
CA GLY A 212 14.11 -5.13 -12.51
C GLY A 212 13.56 -6.39 -11.88
N GLY A 213 14.17 -6.86 -10.80
CA GLY A 213 13.71 -8.07 -10.09
C GLY A 213 12.35 -7.92 -9.49
N GLY A 214 12.05 -6.72 -9.03
CA GLY A 214 10.76 -6.46 -8.40
C GLY A 214 10.88 -6.32 -6.91
N THR A 215 10.00 -5.50 -6.34
CA THR A 215 9.95 -5.34 -4.87
C THR A 215 8.51 -5.63 -4.45
N LYS A 216 8.34 -6.53 -3.49
CA LYS A 216 6.99 -6.90 -3.01
C LYS A 216 6.65 -6.05 -1.80
N LEU A 217 5.60 -5.24 -1.90
CA LEU A 217 5.11 -4.47 -0.75
C LEU A 217 4.21 -5.41 0.03
N GLU A 218 4.52 -5.59 1.29
CA GLU A 218 3.70 -6.46 2.17
C GLU A 218 3.23 -5.55 3.30
N ILE A 219 2.12 -5.88 3.93
CA ILE A 219 1.58 -4.97 4.98
C ILE A 219 1.88 -5.54 6.37
N LYS A 220 2.41 -4.72 7.27
CA LYS A 220 2.64 -5.11 8.66
C LYS A 220 1.40 -4.69 9.43
N ARG A 221 0.74 -5.65 10.08
CA ARG A 221 -0.46 -5.34 10.88
C ARG A 221 -0.31 -5.83 12.31
N THR A 222 -1.40 -5.88 13.04
CA THR A 222 -1.42 -6.27 14.46
C THR A 222 -1.69 -7.76 14.53
N VAL A 223 -1.13 -8.45 15.51
CA VAL A 223 -1.29 -9.93 15.54
C VAL A 223 -2.76 -10.29 15.63
N ALA A 224 -3.23 -11.20 14.76
CA ALA A 224 -4.60 -11.71 14.84
C ALA A 224 -4.53 -13.21 14.94
N ALA A 225 -5.19 -13.78 15.94
CA ALA A 225 -5.17 -15.24 16.17
C ALA A 225 -6.02 -15.97 15.15
N PRO A 226 -5.65 -17.19 14.75
CA PRO A 226 -6.44 -17.94 13.80
C PRO A 226 -7.76 -18.53 14.33
N SER A 227 -8.76 -18.66 13.46
CA SER A 227 -10.01 -19.35 13.82
C SER A 227 -9.87 -20.74 13.18
N VAL A 228 -9.87 -21.80 13.99
CA VAL A 228 -9.57 -23.14 13.45
C VAL A 228 -10.84 -23.92 13.10
N PHE A 229 -10.87 -24.54 11.92
CA PHE A 229 -12.02 -25.35 11.47
C PHE A 229 -11.54 -26.72 11.01
N ILE A 230 -12.23 -27.79 11.42
CA ILE A 230 -11.87 -29.17 11.00
C ILE A 230 -12.97 -29.73 10.11
N PHE A 231 -12.58 -30.35 9.01
CA PHE A 231 -13.57 -30.90 8.07
C PHE A 231 -13.33 -32.40 7.94
N PRO A 232 -14.37 -33.24 8.14
CA PRO A 232 -14.25 -34.68 7.97
C PRO A 232 -14.19 -35.10 6.50
N PRO A 233 -13.61 -36.26 6.18
CA PRO A 233 -13.63 -36.76 4.81
C PRO A 233 -15.06 -37.01 4.33
N SER A 234 -15.32 -36.78 3.04
CA SER A 234 -16.68 -36.98 2.47
C SER A 234 -16.92 -38.47 2.19
N ASP A 235 -18.18 -38.89 2.21
CA ASP A 235 -18.55 -40.29 1.92
C ASP A 235 -18.15 -40.63 0.48
N GLU A 236 -18.37 -39.69 -0.44
CA GLU A 236 -18.06 -39.91 -1.87
C GLU A 236 -16.56 -40.18 -2.06
N GLN A 237 -15.71 -39.42 -1.39
CA GLN A 237 -14.25 -39.58 -1.55
C GLN A 237 -13.86 -40.97 -1.06
N LEU A 238 -14.48 -41.43 0.01
CA LEU A 238 -14.14 -42.73 0.61
C LEU A 238 -14.46 -43.83 -0.38
N LYS A 239 -15.52 -43.66 -1.16
CA LYS A 239 -15.91 -44.67 -2.16
C LYS A 239 -14.75 -44.86 -3.14
N SER A 240 -13.88 -43.86 -3.24
CA SER A 240 -12.70 -43.92 -4.15
C SER A 240 -11.48 -44.49 -3.43
N GLY A 241 -11.57 -44.77 -2.14
CA GLY A 241 -10.46 -45.42 -1.42
C GLY A 241 -9.47 -44.47 -0.75
N THR A 242 -9.73 -43.17 -0.74
CA THR A 242 -8.76 -42.20 -0.18
C THR A 242 -9.50 -41.31 0.79
N ALA A 243 -8.82 -40.88 1.85
CA ALA A 243 -9.44 -39.98 2.85
C ALA A 243 -8.64 -38.70 2.95
N SER A 244 -9.30 -37.56 2.81
CA SER A 244 -8.63 -36.26 2.99
C SER A 244 -9.27 -35.55 4.17
N VAL A 245 -8.46 -35.23 5.19
CA VAL A 245 -8.97 -34.45 6.33
C VAL A 245 -8.41 -33.05 6.16
N VAL A 246 -9.28 -32.04 6.18
CA VAL A 246 -8.84 -30.65 5.90
C VAL A 246 -8.99 -29.76 7.15
N CYS A 247 -7.95 -29.00 7.49
CA CYS A 247 -7.99 -28.05 8.63
C CYS A 247 -7.88 -26.65 8.06
N LEU A 248 -8.81 -25.77 8.43
CA LEU A 248 -8.69 -24.37 7.98
C LEU A 248 -8.31 -23.47 9.15
N LEU A 249 -7.24 -22.70 8.99
CA LEU A 249 -6.88 -21.67 9.99
C LEU A 249 -7.28 -20.42 9.21
N ASN A 250 -8.15 -19.59 9.76
CA ASN A 250 -8.68 -18.46 8.95
C ASN A 250 -8.39 -17.08 9.55
N ASN A 251 -8.03 -16.13 8.69
CA ASN A 251 -7.84 -14.71 9.08
C ASN A 251 -6.83 -14.53 10.22
N PHE A 252 -5.55 -14.66 9.89
CA PHE A 252 -4.51 -14.58 10.93
C PHE A 252 -3.27 -13.79 10.54
N TYR A 253 -2.63 -13.14 11.50
CA TYR A 253 -1.32 -12.48 11.29
C TYR A 253 -0.62 -12.70 12.64
N PRO A 254 0.69 -13.02 12.72
CA PRO A 254 1.55 -13.19 11.56
C PRO A 254 1.33 -14.45 10.73
N ARG A 255 1.94 -14.55 9.55
CA ARG A 255 1.77 -15.71 8.64
C ARG A 255 2.25 -17.00 9.30
N GLU A 256 3.23 -16.91 10.21
CA GLU A 256 3.80 -18.14 10.78
C GLU A 256 2.81 -18.80 11.73
N ALA A 257 2.42 -20.03 11.42
CA ALA A 257 1.51 -20.81 12.27
C ALA A 257 1.89 -22.27 12.10
N LYS A 258 1.69 -23.10 13.13
CA LYS A 258 2.10 -24.52 13.06
C LYS A 258 0.87 -25.39 13.24
N VAL A 259 0.69 -26.35 12.35
CA VAL A 259 -0.48 -27.26 12.41
C VAL A 259 0.05 -28.67 12.65
N GLN A 260 -0.44 -29.32 13.70
CA GLN A 260 -0.05 -30.70 13.98
C GLN A 260 -1.26 -31.59 13.83
N TRP A 261 -1.11 -32.68 13.11
CA TRP A 261 -2.23 -33.63 12.91
C TRP A 261 -2.03 -34.76 13.91
N LYS A 262 -3.04 -35.03 14.72
CA LYS A 262 -2.95 -36.15 15.69
C LYS A 262 -4.13 -37.09 15.46
N VAL A 263 -3.87 -38.37 15.23
CA VAL A 263 -4.98 -39.35 15.08
C VAL A 263 -4.90 -40.32 16.27
N ASP A 264 -5.92 -40.35 17.12
CA ASP A 264 -5.87 -41.18 18.36
C ASP A 264 -4.65 -40.76 19.17
N ASN A 265 -4.38 -39.45 19.23
CA ASN A 265 -3.24 -38.89 19.99
C ASN A 265 -1.92 -39.35 19.39
N ALA A 266 -1.90 -39.67 18.11
CA ALA A 266 -0.62 -40.03 17.45
C ALA A 266 -0.22 -38.92 16.49
N LEU A 267 0.96 -38.34 16.70
CA LEU A 267 1.46 -37.26 15.83
C LEU A 267 1.68 -37.83 14.44
N GLN A 268 1.29 -37.08 13.42
CA GLN A 268 1.41 -37.57 12.04
C GLN A 268 2.52 -36.81 11.34
N SER A 269 3.36 -37.51 10.58
CA SER A 269 4.44 -36.87 9.79
C SER A 269 4.39 -37.36 8.35
N GLY A 270 4.48 -36.46 7.37
CA GLY A 270 4.57 -36.85 5.94
C GLY A 270 3.25 -37.10 5.24
N ASN A 271 2.13 -36.93 5.95
CA ASN A 271 0.80 -37.23 5.37
C ASN A 271 0.01 -35.93 5.21
N SER A 272 0.65 -34.78 5.42
CA SER A 272 -0.04 -33.47 5.37
C SER A 272 0.64 -32.50 4.41
N GLN A 273 -0.15 -31.69 3.73
CA GLN A 273 0.39 -30.66 2.82
C GLN A 273 -0.36 -29.37 3.15
N GLU A 274 0.31 -28.22 3.06
CA GLU A 274 -0.35 -26.97 3.49
C GLU A 274 -0.31 -25.92 2.38
N SER A 275 -1.30 -25.01 2.38
CA SER A 275 -1.31 -23.88 1.44
C SER A 275 -1.62 -22.62 2.25
N VAL A 276 -0.95 -21.52 1.94
CA VAL A 276 -1.23 -20.23 2.63
C VAL A 276 -1.73 -19.23 1.58
N THR A 277 -2.80 -18.51 1.90
CA THR A 277 -3.37 -17.50 0.97
C THR A 277 -2.47 -16.28 0.95
N GLU A 278 -2.61 -15.46 -0.08
CA GLU A 278 -1.85 -14.18 -0.10
C GLU A 278 -2.54 -13.21 0.85
N GLN A 279 -1.81 -12.19 1.32
CA GLN A 279 -2.36 -11.22 2.28
C GLN A 279 -3.56 -10.55 1.64
N ASP A 280 -4.63 -10.38 2.42
CA ASP A 280 -5.89 -9.81 1.88
C ASP A 280 -5.70 -8.32 1.58
N SER A 281 -6.46 -7.83 0.62
CA SER A 281 -6.39 -6.40 0.22
C SER A 281 -7.10 -5.54 1.24
N LYS A 282 -7.82 -6.15 2.18
CA LYS A 282 -8.60 -5.36 3.14
C LYS A 282 -8.08 -5.53 4.57
N ASP A 283 -8.04 -6.75 5.08
CA ASP A 283 -7.66 -6.98 6.51
C ASP A 283 -6.16 -7.25 6.64
N SER A 284 -5.47 -7.46 5.53
CA SER A 284 -4.00 -7.68 5.55
C SER A 284 -3.69 -8.96 6.34
N THR A 285 -4.64 -9.90 6.35
CA THR A 285 -4.45 -11.17 7.09
C THR A 285 -4.11 -12.32 6.15
N TYR A 286 -3.96 -13.53 6.69
CA TYR A 286 -3.63 -14.72 5.89
C TYR A 286 -4.55 -15.86 6.31
N SER A 287 -4.76 -16.83 5.44
CA SER A 287 -5.54 -18.04 5.78
C SER A 287 -4.74 -19.26 5.36
N LEU A 288 -4.79 -20.35 6.12
CA LEU A 288 -3.99 -21.57 5.84
C LEU A 288 -4.88 -22.81 5.78
N SER A 289 -4.59 -23.71 4.84
CA SER A 289 -5.31 -25.01 4.74
C SER A 289 -4.30 -26.14 4.86
N SER A 290 -4.53 -27.11 5.73
CA SER A 290 -3.69 -28.33 5.78
C SER A 290 -4.58 -29.50 5.41
N THR A 291 -4.13 -30.31 4.46
CA THR A 291 -4.91 -31.51 4.10
C THR A 291 -4.15 -32.75 4.59
N LEU A 292 -4.75 -33.54 5.49
CA LEU A 292 -4.14 -34.81 5.92
C LEU A 292 -4.71 -35.89 5.00
N THR A 293 -3.86 -36.55 4.23
CA THR A 293 -4.35 -37.53 3.25
C THR A 293 -3.93 -38.91 3.73
N LEU A 294 -4.90 -39.82 3.83
CA LEU A 294 -4.63 -41.18 4.37
C LEU A 294 -5.54 -42.18 3.67
N SER A 295 -5.18 -43.47 3.72
CA SER A 295 -5.97 -44.53 3.04
C SER A 295 -7.33 -44.66 3.70
N LYS A 296 -8.32 -45.16 2.98
CA LYS A 296 -9.62 -45.40 3.62
C LYS A 296 -9.43 -46.38 4.77
N ALA A 297 -8.55 -47.36 4.58
CA ALA A 297 -8.33 -48.39 5.62
C ALA A 297 -7.79 -47.76 6.89
N ASP A 298 -6.78 -46.91 6.77
CA ASP A 298 -6.18 -46.25 7.96
C ASP A 298 -7.26 -45.37 8.59
N TYR A 299 -8.07 -44.74 7.75
CA TYR A 299 -9.14 -43.85 8.27
C TYR A 299 -10.11 -44.65 9.12
N GLU A 300 -10.46 -45.87 8.69
CA GLU A 300 -11.48 -46.66 9.40
C GLU A 300 -10.83 -47.46 10.55
N LYS A 301 -9.50 -47.43 10.66
CA LYS A 301 -8.81 -48.08 11.79
C LYS A 301 -8.78 -47.17 13.03
N HIS A 302 -8.89 -45.86 12.86
CA HIS A 302 -8.80 -44.91 14.00
C HIS A 302 -10.09 -44.11 14.15
N LYS A 303 -10.27 -43.36 15.24
CA LYS A 303 -11.58 -42.70 15.49
C LYS A 303 -11.47 -41.20 15.70
N VAL A 304 -10.51 -40.76 16.50
CA VAL A 304 -10.41 -39.31 16.84
C VAL A 304 -9.41 -38.67 15.90
N TYR A 305 -9.90 -37.75 15.06
CA TYR A 305 -9.01 -37.03 14.12
C TYR A 305 -8.94 -35.59 14.63
N ALA A 306 -7.74 -35.12 14.96
CA ALA A 306 -7.63 -33.79 15.57
C ALA A 306 -6.59 -32.89 14.91
N CYS A 307 -6.84 -31.58 14.88
CA CYS A 307 -5.89 -30.59 14.34
C CYS A 307 -5.53 -29.65 15.49
N GLU A 308 -4.25 -29.59 15.88
CA GLU A 308 -3.80 -28.67 16.95
C GLU A 308 -3.03 -27.53 16.31
N VAL A 309 -3.38 -26.29 16.70
CA VAL A 309 -2.76 -25.10 16.05
C VAL A 309 -2.00 -24.24 17.06
N THR A 310 -0.74 -23.91 16.72
CA THR A 310 0.06 -23.01 17.58
C THR A 310 0.31 -21.72 16.78
N HIS A 311 0.09 -20.55 17.39
CA HIS A 311 0.30 -19.24 16.72
C HIS A 311 0.56 -18.19 17.80
N GLN A 312 1.16 -17.05 17.44
CA GLN A 312 1.52 -15.99 18.42
C GLN A 312 0.28 -15.44 19.12
N GLY A 313 -0.83 -15.31 18.40
CA GLY A 313 -2.06 -14.76 18.95
C GLY A 313 -2.73 -15.69 19.92
N LEU A 314 -2.30 -16.93 19.93
CA LEU A 314 -2.91 -17.92 20.84
C LEU A 314 -1.97 -18.20 22.02
N SER A 315 -2.39 -17.88 23.23
CA SER A 315 -1.60 -18.19 24.45
C SER A 315 -1.58 -19.69 24.69
N SER A 316 -2.69 -20.36 24.42
CA SER A 316 -2.79 -21.84 24.55
C SER A 316 -3.03 -22.44 23.18
N PRO A 317 -2.50 -23.64 22.87
CA PRO A 317 -2.79 -24.29 21.60
C PRO A 317 -4.27 -24.59 21.41
N VAL A 318 -4.78 -24.41 20.19
CA VAL A 318 -6.23 -24.66 19.90
C VAL A 318 -6.38 -25.96 19.12
N THR A 319 -7.15 -26.90 19.67
CA THR A 319 -7.39 -28.20 18.99
C THR A 319 -8.83 -28.30 18.54
N LYS A 320 -9.06 -28.63 17.26
CA LYS A 320 -10.43 -28.89 16.75
C LYS A 320 -10.46 -30.37 16.38
N SER A 321 -11.49 -31.11 16.78
CA SER A 321 -11.50 -32.59 16.57
C SER A 321 -12.85 -33.14 16.14
N PHE A 322 -12.84 -34.36 15.60
CA PHE A 322 -14.11 -35.05 15.25
C PHE A 322 -13.91 -36.56 15.41
N ASN A 323 -14.97 -37.30 15.68
CA ASN A 323 -14.91 -38.76 15.72
C ASN A 323 -15.73 -39.32 14.57
N ARG A 324 -15.17 -40.31 13.85
CA ARG A 324 -15.88 -41.00 12.77
C ARG A 324 -17.25 -41.52 13.15
N GLY A 325 -18.30 -40.87 12.67
CA GLY A 325 -19.67 -41.26 12.94
C GLY A 325 -20.49 -40.21 13.67
N GLU A 326 -19.86 -39.19 14.24
CA GLU A 326 -20.55 -38.15 15.00
C GLU A 326 -20.98 -36.97 14.10
N THR B 1 -8.42 40.13 -69.09
CA THR B 1 -8.30 39.81 -70.54
C THR B 1 -7.12 38.86 -70.76
N ASN B 2 -6.10 38.94 -69.91
CA ASN B 2 -4.95 37.99 -70.02
C ASN B 2 -5.42 36.60 -69.58
N LEU B 3 -5.18 35.59 -70.42
CA LEU B 3 -5.63 34.21 -70.10
C LEU B 3 -4.78 33.63 -68.95
N CYS B 4 -5.40 32.91 -68.03
CA CYS B 4 -4.67 32.35 -66.84
C CYS B 4 -3.63 31.33 -67.29
N PRO B 5 -2.45 31.25 -66.62
CA PRO B 5 -1.38 30.33 -67.05
C PRO B 5 -1.51 28.90 -66.54
N PHE B 6 -2.60 28.23 -66.91
CA PHE B 6 -2.83 26.81 -66.50
C PHE B 6 -1.79 25.92 -67.15
N GLY B 7 -1.28 26.32 -68.31
CA GLY B 7 -0.30 25.51 -69.04
C GLY B 7 0.94 25.30 -68.20
N GLU B 8 1.28 26.28 -67.38
CA GLU B 8 2.43 26.13 -66.46
C GLU B 8 2.15 24.96 -65.50
N VAL B 9 0.98 24.94 -64.89
CA VAL B 9 0.64 23.86 -63.91
C VAL B 9 0.43 22.52 -64.62
N PHE B 10 -0.44 22.47 -65.63
CA PHE B 10 -0.82 21.18 -66.25
C PHE B 10 0.37 20.61 -67.04
N ASN B 11 1.11 21.45 -67.75
CA ASN B 11 2.18 20.96 -68.66
C ASN B 11 3.56 21.28 -68.08
N ALA B 12 3.71 21.18 -66.76
CA ALA B 12 5.04 21.28 -66.13
C ALA B 12 5.85 20.01 -66.43
N THR B 13 7.07 20.16 -66.95
CA THR B 13 7.94 19.00 -67.26
C THR B 13 8.12 18.09 -66.05
N ARG B 14 8.35 18.67 -64.87
CA ARG B 14 8.51 17.86 -63.64
C ARG B 14 7.43 18.23 -62.63
N PHE B 15 6.73 17.23 -62.11
CA PHE B 15 5.70 17.44 -61.07
C PHE B 15 6.30 17.15 -59.70
N ALA B 16 5.61 17.55 -58.65
CA ALA B 16 6.12 17.39 -57.28
C ALA B 16 5.64 16.10 -56.64
N SER B 17 6.32 15.69 -55.58
CA SER B 17 5.90 14.51 -54.81
C SER B 17 4.69 14.91 -53.96
N VAL B 18 3.82 13.96 -53.62
CA VAL B 18 2.55 14.26 -52.90
C VAL B 18 2.84 14.88 -51.52
N TYR B 19 3.89 14.42 -50.83
CA TYR B 19 4.28 14.98 -49.52
C TYR B 19 4.71 16.44 -49.67
N ALA B 20 5.42 16.77 -50.74
CA ALA B 20 5.94 18.11 -51.00
C ALA B 20 5.11 18.73 -52.12
N TRP B 21 3.79 18.68 -51.98
CA TRP B 21 2.87 19.16 -53.04
C TRP B 21 3.07 20.65 -53.32
N ASN B 22 2.82 21.07 -54.55
CA ASN B 22 3.09 22.46 -54.96
C ASN B 22 1.78 23.22 -55.11
N ARG B 23 1.76 24.50 -54.74
CA ARG B 23 0.56 25.33 -54.87
C ARG B 23 0.87 26.61 -55.65
N LYS B 24 0.07 26.90 -56.68
CA LYS B 24 0.21 28.15 -57.47
C LYS B 24 -1.06 28.97 -57.27
N ARG B 25 -0.90 30.25 -56.96
CA ARG B 25 -2.09 31.13 -56.84
C ARG B 25 -2.49 31.58 -58.24
N ILE B 26 -3.76 31.43 -58.55
CA ILE B 26 -4.26 31.92 -59.87
C ILE B 26 -5.06 33.19 -59.56
N SER B 27 -4.61 34.33 -60.09
CA SER B 27 -5.28 35.62 -59.79
C SER B 27 -5.13 36.60 -60.95
N ASN B 28 -6.03 37.60 -61.05
CA ASN B 28 -5.90 38.67 -62.09
C ASN B 28 -5.80 38.10 -63.50
N CYS B 29 -6.69 37.18 -63.88
CA CYS B 29 -6.67 36.60 -65.24
C CYS B 29 -8.02 35.99 -65.62
N VAL B 30 -8.18 35.61 -66.88
CA VAL B 30 -9.44 34.94 -67.34
C VAL B 30 -9.12 33.49 -67.73
N ALA B 31 -9.88 32.54 -67.21
CA ALA B 31 -9.56 31.12 -67.48
C ALA B 31 -10.79 30.40 -68.05
N ASP B 32 -10.59 29.61 -69.10
CA ASP B 32 -11.73 28.82 -69.64
C ASP B 32 -11.63 27.39 -69.09
N TYR B 33 -12.44 27.08 -68.08
CA TYR B 33 -12.45 25.74 -67.45
C TYR B 33 -13.00 24.70 -68.41
N SER B 34 -14.00 25.07 -69.20
CA SER B 34 -14.64 24.11 -70.12
C SER B 34 -13.62 23.60 -71.13
N VAL B 35 -12.68 24.46 -71.52
CA VAL B 35 -11.64 24.04 -72.51
C VAL B 35 -10.90 22.86 -71.89
N LEU B 36 -10.58 22.92 -70.61
CA LEU B 36 -9.94 21.78 -69.92
C LEU B 36 -10.89 20.57 -69.88
N TYR B 37 -12.17 20.75 -69.58
CA TYR B 37 -13.11 19.61 -69.45
C TYR B 37 -13.23 18.90 -70.80
N ASN B 38 -13.27 19.70 -71.85
CA ASN B 38 -13.38 19.13 -73.22
C ASN B 38 -11.98 18.87 -73.75
N SER B 39 -10.95 19.14 -72.95
CA SER B 39 -9.57 18.78 -73.38
C SER B 39 -9.56 17.26 -73.56
N ALA B 40 -10.26 16.51 -72.70
CA ALA B 40 -10.43 15.05 -72.90
C ALA B 40 -9.11 14.29 -72.84
N SER B 41 -8.11 14.87 -72.18
CA SER B 41 -6.81 14.18 -72.04
C SER B 41 -6.75 13.75 -70.58
N PHE B 42 -7.89 13.81 -69.90
CA PHE B 42 -7.89 13.57 -68.45
C PHE B 42 -8.76 12.37 -68.05
N SER B 43 -8.15 11.37 -67.44
CA SER B 43 -8.87 10.17 -66.96
C SER B 43 -9.86 10.56 -65.88
N THR B 44 -9.50 11.53 -65.03
CA THR B 44 -10.40 12.01 -63.94
C THR B 44 -10.57 13.52 -64.04
N PHE B 45 -11.81 14.02 -63.98
CA PHE B 45 -12.10 15.47 -63.92
C PHE B 45 -13.38 15.60 -63.08
N LYS B 46 -13.26 15.51 -61.75
CA LYS B 46 -14.46 15.53 -60.87
C LYS B 46 -14.58 16.88 -60.18
N CYS B 47 -15.75 17.50 -60.26
CA CYS B 47 -15.95 18.84 -59.68
C CYS B 47 -16.91 18.73 -58.50
N TYR B 48 -16.56 19.37 -57.37
CA TYR B 48 -17.36 19.23 -56.13
C TYR B 48 -17.91 20.60 -55.76
N GLY B 49 -19.21 20.68 -55.49
CA GLY B 49 -19.85 21.97 -55.18
C GLY B 49 -20.07 22.78 -56.44
N VAL B 50 -19.81 22.18 -57.59
CA VAL B 50 -19.94 22.91 -58.88
C VAL B 50 -20.11 21.87 -59.99
N SER B 51 -20.47 22.32 -61.20
CA SER B 51 -20.59 21.41 -62.36
C SER B 51 -19.48 21.82 -63.31
N PRO B 52 -18.83 20.88 -64.03
CA PRO B 52 -17.81 21.26 -64.99
C PRO B 52 -18.47 22.13 -66.07
N THR B 53 -19.70 21.81 -66.47
CA THR B 53 -20.35 22.52 -67.60
C THR B 53 -20.56 24.00 -67.31
N LYS B 54 -21.02 24.37 -66.12
CA LYS B 54 -21.38 25.77 -65.84
C LYS B 54 -20.15 26.55 -65.39
N LEU B 55 -19.02 25.85 -65.20
CA LEU B 55 -17.82 26.52 -64.63
C LEU B 55 -17.38 27.64 -65.56
N ASN B 56 -17.67 27.52 -66.85
CA ASN B 56 -17.13 28.50 -67.83
C ASN B 56 -17.55 29.93 -67.49
N ASP B 57 -18.77 30.18 -67.01
CA ASP B 57 -19.09 31.58 -66.61
C ASP B 57 -19.24 31.69 -65.09
N LEU B 58 -18.17 32.07 -64.39
CA LEU B 58 -18.25 32.31 -62.92
C LEU B 58 -16.99 33.08 -62.51
N CYS B 59 -17.02 33.82 -61.41
CA CYS B 59 -15.77 34.48 -60.90
C CYS B 59 -15.52 34.00 -59.47
N PHE B 60 -14.25 33.92 -59.04
CA PHE B 60 -13.90 33.42 -57.68
C PHE B 60 -12.87 34.35 -57.03
N THR B 61 -12.96 34.55 -55.71
CA THR B 61 -12.03 35.51 -55.04
C THR B 61 -10.59 35.00 -55.13
N ASN B 62 -10.40 33.70 -54.88
CA ASN B 62 -9.02 33.16 -54.86
C ASN B 62 -9.01 31.78 -55.49
N VAL B 63 -8.08 31.52 -56.40
CA VAL B 63 -7.95 30.16 -56.97
C VAL B 63 -6.56 29.62 -56.66
N TYR B 64 -6.50 28.40 -56.16
CA TYR B 64 -5.19 27.75 -55.88
C TYR B 64 -5.13 26.46 -56.70
N ALA B 65 -4.05 26.25 -57.44
CA ALA B 65 -3.86 24.99 -58.19
C ALA B 65 -2.79 24.16 -57.51
N ASP B 66 -3.18 23.04 -56.93
CA ASP B 66 -2.23 22.16 -56.20
C ASP B 66 -1.85 21.01 -57.12
N SER B 67 -0.56 20.78 -57.32
CA SER B 67 -0.08 19.77 -58.30
C SER B 67 0.86 18.76 -57.66
N PHE B 68 0.62 17.46 -57.90
CA PHE B 68 1.48 16.38 -57.35
C PHE B 68 1.35 15.10 -58.17
N VAL B 69 2.26 14.15 -57.97
CA VAL B 69 2.16 12.82 -58.65
C VAL B 69 1.88 11.77 -57.58
N ILE B 70 0.88 10.91 -57.81
CA ILE B 70 0.54 9.79 -56.90
C ILE B 70 0.36 8.59 -57.84
N ARG B 71 0.10 7.40 -57.29
CA ARG B 71 -0.18 6.20 -58.12
C ARG B 71 -1.66 6.17 -58.52
N GLY B 72 -2.02 5.40 -59.55
CA GLY B 72 -3.40 5.35 -60.07
C GLY B 72 -4.43 4.86 -59.08
N ASP B 73 -4.07 3.90 -58.24
CA ASP B 73 -4.96 3.41 -57.16
C ASP B 73 -5.30 4.54 -56.17
N GLU B 74 -4.40 5.50 -55.98
CA GLU B 74 -4.58 6.54 -54.92
C GLU B 74 -5.36 7.78 -55.40
N VAL B 75 -5.77 7.82 -56.67
CA VAL B 75 -6.52 8.98 -57.23
C VAL B 75 -7.87 9.08 -56.51
N ARG B 76 -8.42 7.95 -56.11
CA ARG B 76 -9.73 7.94 -55.40
C ARG B 76 -9.59 8.69 -54.09
N GLN B 77 -8.42 8.63 -53.44
CA GLN B 77 -8.17 9.30 -52.14
C GLN B 77 -8.07 10.83 -52.29
N ILE B 78 -7.74 11.34 -53.48
CA ILE B 78 -7.71 12.81 -53.66
C ILE B 78 -9.14 13.27 -53.90
N ALA B 79 -9.97 13.09 -52.89
CA ALA B 79 -11.38 13.48 -52.98
C ALA B 79 -11.83 13.81 -51.57
N PRO B 80 -12.91 14.56 -51.36
CA PRO B 80 -13.41 14.80 -50.03
C PRO B 80 -13.86 13.58 -49.23
N GLY B 81 -13.62 13.59 -47.91
CA GLY B 81 -14.04 12.49 -47.02
C GLY B 81 -13.37 11.17 -47.29
N GLN B 82 -12.10 11.18 -47.69
CA GLN B 82 -11.45 9.91 -48.08
C GLN B 82 -10.36 9.55 -47.08
N THR B 83 -10.08 8.27 -46.95
CA THR B 83 -9.10 7.80 -45.96
C THR B 83 -8.05 6.96 -46.68
N GLY B 84 -6.84 6.95 -46.15
CA GLY B 84 -5.76 6.17 -46.75
C GLY B 84 -4.47 6.90 -46.58
N ASN B 85 -3.37 6.35 -47.06
CA ASN B 85 -2.04 6.97 -46.82
C ASN B 85 -1.95 8.36 -47.43
N ILE B 86 -2.41 8.51 -48.66
CA ILE B 86 -2.28 9.81 -49.36
C ILE B 86 -3.18 10.83 -48.67
N ALA B 87 -4.40 10.43 -48.36
CA ALA B 87 -5.35 11.34 -47.70
C ALA B 87 -4.91 11.63 -46.26
N ASP B 88 -4.56 10.58 -45.54
CA ASP B 88 -4.19 10.72 -44.10
C ASP B 88 -2.86 11.44 -43.87
N TYR B 89 -1.82 11.13 -44.63
CA TYR B 89 -0.46 11.69 -44.32
C TYR B 89 0.18 12.51 -45.45
N ASN B 90 -0.47 12.70 -46.60
CA ASN B 90 0.19 13.37 -47.73
C ASN B 90 -0.57 14.61 -48.24
N TYR B 91 -1.79 14.43 -48.76
CA TYR B 91 -2.63 15.56 -49.23
C TYR B 91 -4.06 15.37 -48.75
N LYS B 92 -4.63 16.37 -48.07
CA LYS B 92 -6.02 16.25 -47.55
C LYS B 92 -6.93 17.35 -48.11
N LEU B 93 -8.14 16.97 -48.50
CA LEU B 93 -9.12 17.94 -49.02
C LEU B 93 -10.18 18.14 -47.95
N PRO B 94 -10.76 19.35 -47.81
CA PRO B 94 -11.80 19.58 -46.85
C PRO B 94 -13.11 18.86 -47.20
N ASP B 95 -13.89 18.50 -46.20
CA ASP B 95 -15.21 17.88 -46.45
C ASP B 95 -16.06 18.93 -47.18
N ASP B 96 -15.93 20.19 -46.77
CA ASP B 96 -16.64 21.30 -47.45
C ASP B 96 -15.81 21.74 -48.65
N PHE B 97 -15.54 20.83 -49.59
CA PHE B 97 -14.61 21.21 -50.68
C PHE B 97 -15.35 21.74 -51.89
N THR B 98 -14.97 22.92 -52.36
CA THR B 98 -15.53 23.46 -53.60
C THR B 98 -14.36 23.55 -54.57
N GLY B 99 -14.40 22.76 -55.64
CA GLY B 99 -13.28 22.74 -56.58
C GLY B 99 -13.29 21.52 -57.47
N CYS B 100 -12.26 21.35 -58.28
CA CYS B 100 -12.22 20.24 -59.26
C CYS B 100 -10.90 19.46 -59.14
N VAL B 101 -10.95 18.13 -59.15
CA VAL B 101 -9.73 17.28 -59.13
C VAL B 101 -9.53 16.67 -60.52
N ILE B 102 -8.43 16.99 -61.19
CA ILE B 102 -8.15 16.52 -62.58
C ILE B 102 -6.88 15.65 -62.56
N ALA B 103 -6.94 14.47 -63.16
CA ALA B 103 -5.77 13.56 -63.18
C ALA B 103 -5.54 12.88 -64.53
N TRP B 104 -4.29 12.58 -64.86
CA TRP B 104 -3.92 11.88 -66.12
C TRP B 104 -2.75 10.94 -65.88
N ASN B 105 -2.61 9.88 -66.68
CA ASN B 105 -1.48 8.94 -66.57
C ASN B 105 -0.19 9.63 -67.03
N SER B 106 0.88 9.46 -66.25
CA SER B 106 2.19 10.05 -66.59
C SER B 106 3.28 8.98 -66.78
N ASN B 107 2.93 7.76 -67.14
CA ASN B 107 3.91 6.64 -67.27
C ASN B 107 4.95 7.00 -68.33
N ASN B 108 4.53 7.65 -69.40
CA ASN B 108 5.45 8.06 -70.49
C ASN B 108 6.51 9.02 -69.95
N LEU B 109 6.14 9.87 -68.99
CA LEU B 109 7.07 10.90 -68.46
C LEU B 109 7.67 10.53 -67.11
N ASP B 110 6.89 9.97 -66.19
CA ASP B 110 7.36 9.77 -64.79
C ASP B 110 7.77 8.34 -64.45
N SER B 111 7.97 7.48 -65.43
CA SER B 111 8.39 6.08 -65.21
C SER B 111 9.74 5.86 -65.89
N LYS B 112 10.59 5.03 -65.29
CA LYS B 112 11.95 4.81 -65.83
C LYS B 112 12.29 3.33 -65.75
N VAL B 113 13.05 2.83 -66.72
CA VAL B 113 13.51 1.42 -66.61
C VAL B 113 14.52 1.41 -65.47
N GLY B 114 14.36 0.51 -64.52
CA GLY B 114 15.19 0.52 -63.31
C GLY B 114 14.44 1.20 -62.20
N GLY B 115 13.37 1.92 -62.53
CA GLY B 115 12.55 2.64 -61.53
C GLY B 115 12.83 4.12 -61.43
N ASN B 116 11.81 4.90 -61.06
CA ASN B 116 11.97 6.36 -60.81
C ASN B 116 11.90 6.51 -59.31
N TYR B 117 13.03 6.78 -58.66
CA TYR B 117 13.07 6.83 -57.18
C TYR B 117 12.80 8.25 -56.72
N ASN B 118 12.66 9.17 -57.66
CA ASN B 118 12.47 10.59 -57.32
C ASN B 118 11.11 10.85 -56.68
N TYR B 119 10.05 10.17 -57.12
CA TYR B 119 8.70 10.37 -56.57
C TYR B 119 8.56 9.64 -55.23
N LEU B 120 8.09 10.32 -54.20
CA LEU B 120 8.05 9.75 -52.82
C LEU B 120 6.70 10.00 -52.14
N TYR B 121 6.39 9.22 -51.09
CA TYR B 121 5.14 9.38 -50.30
C TYR B 121 5.46 9.14 -48.84
N ARG B 122 4.67 9.70 -47.92
CA ARG B 122 4.83 9.46 -46.47
C ARG B 122 3.99 8.27 -46.04
N LEU B 123 4.61 7.22 -45.50
CA LEU B 123 3.88 6.03 -45.00
C LEU B 123 3.56 6.19 -43.52
N PHE B 124 4.36 6.97 -42.80
CA PHE B 124 4.20 7.05 -41.34
C PHE B 124 4.05 8.49 -40.84
N ARG B 125 3.05 8.75 -40.02
CA ARG B 125 2.91 10.09 -39.37
C ARG B 125 2.22 9.90 -38.02
N LYS B 126 2.56 10.72 -37.03
CA LYS B 126 1.96 10.64 -35.68
C LYS B 126 0.48 11.01 -35.73
N SER B 127 0.13 11.98 -36.56
CA SER B 127 -1.27 12.41 -36.68
C SER B 127 -1.66 12.52 -38.15
N ASN B 128 -2.95 12.63 -38.42
CA ASN B 128 -3.45 12.79 -39.80
C ASN B 128 -3.28 14.25 -40.20
N LEU B 129 -3.00 14.49 -41.48
CA LEU B 129 -2.87 15.88 -41.98
C LEU B 129 -4.25 16.56 -41.99
N LYS B 130 -4.31 17.80 -41.53
CA LYS B 130 -5.55 18.60 -41.58
C LYS B 130 -5.68 19.11 -43.01
N PRO B 131 -6.85 19.55 -43.48
CA PRO B 131 -6.97 19.90 -44.89
C PRO B 131 -5.99 20.97 -45.37
N PHE B 132 -5.40 20.78 -46.55
CA PHE B 132 -4.41 21.71 -47.14
C PHE B 132 -3.16 21.88 -46.28
N GLU B 133 -2.69 20.81 -45.64
CA GLU B 133 -1.49 20.85 -44.77
C GLU B 133 -0.33 20.11 -45.43
N ARG B 134 0.85 20.73 -45.47
CA ARG B 134 2.03 20.10 -46.10
C ARG B 134 3.11 19.81 -45.06
N ASP B 135 3.51 18.56 -44.95
CA ASP B 135 4.66 18.18 -44.09
C ASP B 135 5.74 17.66 -45.04
N ILE B 136 6.87 18.33 -45.12
CA ILE B 136 8.01 17.94 -46.00
C ILE B 136 9.13 17.43 -45.10
N SER B 137 8.82 17.09 -43.85
CA SER B 137 9.82 16.58 -42.88
C SER B 137 10.38 15.22 -43.28
N THR B 138 11.65 14.99 -42.98
CA THR B 138 12.34 13.73 -43.33
C THR B 138 12.92 13.13 -42.05
N GLU B 139 12.29 13.42 -40.92
CA GLU B 139 12.79 12.95 -39.59
C GLU B 139 12.37 11.51 -39.33
N ILE B 140 13.20 10.77 -38.58
CA ILE B 140 12.92 9.33 -38.33
C ILE B 140 11.63 9.19 -37.51
N TYR B 141 10.77 8.26 -37.90
CA TYR B 141 9.49 8.02 -37.21
C TYR B 141 9.67 7.08 -36.04
N GLN B 142 9.08 7.42 -34.90
CA GLN B 142 9.16 6.54 -33.71
C GLN B 142 7.84 5.79 -33.57
N ALA B 143 7.86 4.48 -33.79
CA ALA B 143 6.66 3.63 -33.68
C ALA B 143 6.61 3.02 -32.29
N GLY B 144 7.60 3.35 -31.46
CA GLY B 144 7.65 2.79 -30.11
C GLY B 144 8.08 3.83 -29.11
N SER B 145 8.17 3.42 -27.85
CA SER B 145 8.59 4.33 -26.76
C SER B 145 10.08 4.69 -26.82
N THR B 146 10.94 3.77 -27.26
CA THR B 146 12.41 3.98 -27.30
C THR B 146 12.79 5.10 -28.28
N PRO B 147 13.71 6.01 -27.90
CA PRO B 147 14.12 7.12 -28.75
C PRO B 147 14.99 6.75 -29.97
N CYS B 148 15.02 7.59 -31.00
CA CYS B 148 15.73 7.27 -32.27
C CYS B 148 17.12 7.90 -32.42
N ASN B 149 17.28 9.18 -32.09
CA ASN B 149 18.57 9.92 -32.25
C ASN B 149 18.90 10.20 -33.72
N GLY B 150 17.89 10.28 -34.58
CA GLY B 150 18.10 10.54 -36.01
C GLY B 150 18.66 9.32 -36.68
N VAL B 151 18.66 8.20 -35.96
CA VAL B 151 19.26 6.95 -36.47
C VAL B 151 18.18 5.88 -36.51
N LYS B 152 18.22 5.03 -37.54
CA LYS B 152 17.22 3.96 -37.71
C LYS B 152 17.55 2.73 -36.88
N GLY B 153 16.55 1.91 -36.62
CA GLY B 153 16.73 0.68 -35.83
C GLY B 153 15.36 0.12 -35.56
N PHE B 154 15.20 -0.71 -34.55
CA PHE B 154 13.83 -1.16 -34.22
C PHE B 154 13.07 0.01 -33.62
N ASN B 155 11.85 0.25 -34.06
CA ASN B 155 10.96 1.32 -33.53
C ASN B 155 11.30 2.64 -34.24
N CYS B 156 12.36 2.63 -35.05
CA CYS B 156 12.86 3.88 -35.68
C CYS B 156 13.00 3.69 -37.19
N TYR B 157 12.21 4.42 -37.98
CA TYR B 157 12.17 4.19 -39.44
C TYR B 157 12.06 5.49 -40.23
N PHE B 158 12.66 5.56 -41.41
CA PHE B 158 12.48 6.74 -42.30
C PHE B 158 11.02 6.80 -42.72
N PRO B 159 10.36 7.98 -42.73
CA PRO B 159 8.93 8.03 -42.95
C PRO B 159 8.41 8.10 -44.39
N LEU B 160 9.34 8.15 -45.34
CA LEU B 160 8.96 8.33 -46.75
C LEU B 160 9.33 7.08 -47.53
N GLN B 161 8.48 6.69 -48.48
CA GLN B 161 8.79 5.54 -49.36
C GLN B 161 8.73 6.02 -50.80
N SER B 162 9.31 5.24 -51.71
CA SER B 162 9.35 5.62 -53.13
C SER B 162 8.40 4.75 -53.95
N TYR B 163 7.69 5.37 -54.88
CA TYR B 163 6.80 4.63 -55.80
C TYR B 163 7.63 3.74 -56.72
N GLY B 164 8.81 4.21 -57.11
CA GLY B 164 9.71 3.40 -57.96
C GLY B 164 9.04 3.07 -59.25
N PHE B 165 8.37 4.05 -59.84
CA PHE B 165 7.58 3.81 -61.06
C PHE B 165 8.42 3.18 -62.15
N GLN B 166 7.94 2.07 -62.70
CA GLN B 166 8.65 1.33 -63.76
C GLN B 166 7.66 1.21 -64.90
N PRO B 167 8.09 1.18 -66.17
CA PRO B 167 7.16 1.20 -67.31
C PRO B 167 6.17 0.04 -67.50
N THR B 168 6.57 -1.19 -67.22
CA THR B 168 5.77 -2.41 -67.50
C THR B 168 4.91 -2.74 -66.29
N TYR B 169 4.82 -1.84 -65.32
CA TYR B 169 3.95 -2.03 -64.14
C TYR B 169 2.49 -1.91 -64.53
N GLY B 170 1.60 -2.41 -63.68
CA GLY B 170 0.16 -2.28 -63.90
C GLY B 170 -0.32 -0.86 -63.72
N VAL B 171 -1.46 -0.51 -64.30
CA VAL B 171 -1.96 0.90 -64.32
C VAL B 171 -2.15 1.50 -62.93
N GLY B 172 -2.59 0.71 -61.95
CA GLY B 172 -2.80 1.20 -60.58
C GLY B 172 -1.52 1.64 -59.92
N TYR B 173 -0.42 0.95 -60.17
CA TYR B 173 0.87 1.26 -59.55
C TYR B 173 1.62 2.24 -60.43
N GLN B 174 1.05 2.60 -61.59
CA GLN B 174 1.67 3.55 -62.56
C GLN B 174 1.51 4.98 -62.09
N PRO B 175 2.36 5.91 -62.57
CA PRO B 175 2.27 7.30 -62.19
C PRO B 175 1.09 8.09 -62.73
N TYR B 176 0.46 8.90 -61.86
CA TYR B 176 -0.65 9.77 -62.30
C TYR B 176 -0.37 11.20 -61.82
N ARG B 177 -0.53 12.17 -62.71
CA ARG B 177 -0.33 13.60 -62.35
C ARG B 177 -1.68 14.17 -61.97
N VAL B 178 -1.77 14.80 -60.80
CA VAL B 178 -3.06 15.32 -60.31
C VAL B 178 -2.99 16.83 -60.11
N VAL B 179 -3.96 17.57 -60.65
CA VAL B 179 -4.06 19.03 -60.36
C VAL B 179 -5.39 19.22 -59.62
N VAL B 180 -5.34 19.84 -58.45
CA VAL B 180 -6.59 20.16 -57.73
C VAL B 180 -6.83 21.66 -57.84
N LEU B 181 -7.94 22.05 -58.47
CA LEU B 181 -8.28 23.48 -58.61
C LEU B 181 -9.20 23.84 -57.46
N SER B 182 -8.81 24.82 -56.63
CA SER B 182 -9.59 25.19 -55.44
C SER B 182 -10.16 26.58 -55.63
N PHE B 183 -11.46 26.74 -55.42
CA PHE B 183 -12.13 28.05 -55.63
C PHE B 183 -12.89 28.38 -54.36
N GLU B 184 -13.09 29.66 -54.06
CA GLU B 184 -13.89 30.06 -52.88
C GLU B 184 -15.23 30.65 -53.34
N ALA B 188 -9.48 40.46 -50.71
CA ALA B 188 -9.25 40.02 -52.11
C ALA B 188 -10.56 39.94 -52.89
N PRO B 189 -10.83 40.89 -53.81
CA PRO B 189 -12.03 40.83 -54.66
C PRO B 189 -11.85 39.80 -55.78
N ALA B 190 -12.93 39.45 -56.49
CA ALA B 190 -12.86 38.41 -57.54
C ALA B 190 -11.79 38.80 -58.54
N THR B 191 -10.92 37.85 -58.88
CA THR B 191 -9.79 38.15 -59.80
C THR B 191 -9.67 37.00 -60.79
N VAL B 192 -10.71 36.17 -60.92
CA VAL B 192 -10.62 35.12 -61.91
C VAL B 192 -12.02 34.85 -62.45
N CYS B 193 -12.36 35.55 -63.52
CA CYS B 193 -13.68 35.46 -64.11
C CYS B 193 -13.64 34.47 -65.27
N GLY B 194 -14.63 33.59 -65.34
CA GLY B 194 -14.90 32.83 -66.53
C GLY B 194 -15.59 33.73 -67.53
N PRO B 195 -15.39 33.47 -68.83
CA PRO B 195 -15.99 34.24 -69.93
C PRO B 195 -17.50 34.52 -69.76
N GLN C 1 -12.46 -0.35 -27.82
CA GLN C 1 -12.39 -1.50 -26.90
C GLN C 1 -11.07 -2.22 -27.12
N VAL C 2 -9.95 -1.66 -26.65
CA VAL C 2 -8.62 -2.27 -26.97
C VAL C 2 -8.46 -3.54 -26.14
N GLN C 3 -8.36 -4.68 -26.80
CA GLN C 3 -8.25 -5.97 -26.11
C GLN C 3 -7.10 -6.80 -26.65
N LEU C 4 -6.25 -7.32 -25.77
CA LEU C 4 -5.19 -8.26 -26.23
C LEU C 4 -5.60 -9.60 -25.61
N GLN C 5 -5.89 -10.59 -26.45
CA GLN C 5 -6.42 -11.88 -25.94
C GLN C 5 -5.47 -13.03 -26.24
N GLN C 6 -5.14 -13.78 -25.20
CA GLN C 6 -4.22 -14.92 -25.32
C GLN C 6 -4.93 -16.14 -24.76
N PRO C 7 -4.61 -17.36 -25.23
CA PRO C 7 -5.18 -18.56 -24.64
C PRO C 7 -4.70 -18.68 -23.19
N GLY C 8 -5.54 -19.14 -22.28
CA GLY C 8 -5.11 -19.16 -20.87
C GLY C 8 -4.11 -20.23 -20.55
N THR C 9 -4.25 -21.41 -21.15
CA THR C 9 -3.37 -22.54 -20.79
C THR C 9 -2.91 -23.30 -22.03
N GLU C 10 -1.67 -23.80 -22.03
CA GLU C 10 -1.17 -24.67 -23.11
C GLU C 10 -0.41 -25.83 -22.47
N LEU C 11 -0.58 -27.06 -22.96
CA LEU C 11 0.21 -28.21 -22.44
C LEU C 11 1.10 -28.70 -23.58
N VAL C 12 2.41 -28.80 -23.33
CA VAL C 12 3.37 -29.14 -24.41
C VAL C 12 4.19 -30.36 -23.97
N ASN C 13 4.39 -31.31 -24.86
CA ASN C 13 5.28 -32.46 -24.52
C ASN C 13 6.71 -31.92 -24.51
N PRO C 14 7.60 -32.43 -23.64
CA PRO C 14 8.95 -31.97 -23.66
C PRO C 14 9.66 -32.29 -24.99
N GLY C 15 10.45 -31.36 -25.49
CA GLY C 15 11.19 -31.56 -26.75
C GLY C 15 10.44 -31.06 -27.95
N ALA C 16 9.22 -30.58 -27.74
CA ALA C 16 8.36 -30.13 -28.85
C ALA C 16 8.32 -28.61 -28.88
N SER C 17 7.51 -28.07 -29.79
CA SER C 17 7.45 -26.61 -29.95
C SER C 17 6.03 -26.12 -29.75
N LEU C 18 5.86 -24.96 -29.13
CA LEU C 18 4.53 -24.36 -28.93
C LEU C 18 4.46 -23.02 -29.66
N LYS C 19 3.39 -22.79 -30.41
CA LYS C 19 3.16 -21.46 -31.03
C LYS C 19 1.95 -20.90 -30.30
N MET C 20 2.07 -19.71 -29.71
CA MET C 20 0.96 -19.14 -28.92
C MET C 20 0.45 -17.87 -29.57
N SER C 21 -0.81 -17.55 -29.38
CA SER C 21 -1.45 -16.42 -30.07
C SER C 21 -1.72 -15.20 -29.18
N CYS C 22 -1.72 -14.01 -29.78
CA CYS C 22 -2.11 -12.76 -29.09
C CYS C 22 -3.04 -12.03 -30.05
N LYS C 23 -4.32 -12.41 -30.08
CA LYS C 23 -5.31 -11.73 -30.96
C LYS C 23 -5.54 -10.31 -30.47
N THR C 24 -5.53 -9.33 -31.36
CA THR C 24 -5.64 -7.91 -30.98
C THR C 24 -6.94 -7.35 -31.52
N SER C 25 -7.56 -6.43 -30.79
CA SER C 25 -8.83 -5.82 -31.21
C SER C 25 -8.90 -4.38 -30.71
N GLY C 26 -9.71 -3.54 -31.35
CA GLY C 26 -9.94 -2.16 -30.88
C GLY C 26 -8.99 -1.13 -31.44
N TYR C 27 -8.10 -1.51 -32.35
CA TYR C 27 -7.06 -0.56 -32.83
C TYR C 27 -6.49 -1.06 -34.15
N ARG C 28 -5.77 -0.20 -34.88
CA ARG C 28 -5.09 -0.63 -36.11
C ARG C 28 -3.88 -1.47 -35.70
N PHE C 29 -3.82 -2.72 -36.13
CA PHE C 29 -2.76 -3.65 -35.67
C PHE C 29 -1.39 -3.16 -36.12
N THR C 30 -1.29 -2.65 -37.34
CA THR C 30 -0.01 -2.21 -37.93
C THR C 30 0.56 -1.03 -37.14
N SER C 31 -0.29 -0.17 -36.60
CA SER C 31 0.13 1.06 -35.89
C SER C 31 0.93 0.78 -34.60
N TYR C 32 0.63 -0.29 -33.88
CA TYR C 32 1.26 -0.52 -32.56
C TYR C 32 2.07 -1.83 -32.52
N ILE C 33 3.29 -1.78 -31.98
CA ILE C 33 4.19 -2.96 -31.86
C ILE C 33 3.76 -3.85 -30.69
N ILE C 34 4.05 -5.14 -30.76
CA ILE C 34 3.62 -6.11 -29.70
C ILE C 34 4.85 -6.68 -29.00
N HIS C 35 4.88 -6.61 -27.67
CA HIS C 35 6.00 -7.14 -26.86
C HIS C 35 5.60 -8.44 -26.17
N TRP C 36 6.56 -9.33 -25.96
CA TRP C 36 6.29 -10.62 -25.30
C TRP C 36 7.11 -10.70 -24.00
N VAL C 37 6.47 -11.07 -22.89
CA VAL C 37 7.16 -11.09 -21.56
C VAL C 37 6.93 -12.45 -20.87
N LYS C 38 7.95 -12.99 -20.18
CA LYS C 38 7.85 -14.30 -19.48
C LYS C 38 7.91 -14.10 -17.97
N GLN C 39 7.02 -14.78 -17.23
CA GLN C 39 7.09 -14.75 -15.75
C GLN C 39 7.14 -16.18 -15.22
N THR C 40 8.25 -16.58 -14.62
CA THR C 40 8.32 -17.92 -13.97
C THR C 40 7.60 -17.76 -12.64
N PRO C 41 6.78 -18.74 -12.19
CA PRO C 41 5.97 -18.55 -10.99
C PRO C 41 6.73 -18.11 -9.74
N GLY C 42 6.21 -17.11 -9.03
CA GLY C 42 6.86 -16.56 -7.81
C GLY C 42 8.08 -15.73 -8.13
N GLN C 43 8.25 -15.34 -9.39
CA GLN C 43 9.49 -14.66 -9.82
C GLN C 43 9.11 -13.46 -10.67
N GLY C 44 10.10 -12.73 -11.18
CA GLY C 44 9.84 -11.48 -11.90
C GLY C 44 9.55 -11.56 -13.39
N LEU C 45 9.47 -10.39 -14.03
CA LEU C 45 9.15 -10.29 -15.46
C LEU C 45 10.43 -10.28 -16.30
N GLU C 46 10.45 -11.03 -17.40
CA GLU C 46 11.60 -11.06 -18.32
C GLU C 46 11.11 -10.76 -19.74
N TRP C 47 11.76 -9.83 -20.43
CA TRP C 47 11.38 -9.43 -21.82
C TRP C 47 11.89 -10.49 -22.77
N ILE C 48 11.05 -10.93 -23.70
CA ILE C 48 11.48 -11.92 -24.72
C ILE C 48 11.82 -11.16 -26.00
N GLY C 49 10.96 -10.24 -26.42
CA GLY C 49 11.17 -9.50 -27.66
C GLY C 49 9.97 -8.70 -28.09
N ALA C 50 10.04 -8.07 -29.26
CA ALA C 50 8.94 -7.25 -29.80
C ALA C 50 8.82 -7.41 -31.32
N ILE C 51 7.62 -7.25 -31.86
CA ILE C 51 7.42 -7.28 -33.34
C ILE C 51 6.59 -6.07 -33.78
N PHE C 52 6.96 -5.43 -34.89
CA PHE C 52 6.14 -4.35 -35.47
C PHE C 52 5.32 -5.01 -36.58
N PRO C 53 3.98 -5.03 -36.47
CA PRO C 53 3.15 -5.74 -37.42
C PRO C 53 3.23 -5.25 -38.88
N GLU C 54 3.63 -4.00 -39.09
CA GLU C 54 3.74 -3.44 -40.47
C GLU C 54 4.79 -4.16 -41.31
N ASN C 55 6.00 -4.38 -40.77
CA ASN C 55 7.10 -4.96 -41.59
C ASN C 55 7.66 -6.23 -40.98
N ASP C 56 7.16 -6.66 -39.83
CA ASP C 56 7.63 -7.89 -39.14
C ASP C 56 9.05 -7.71 -38.62
N ASP C 57 9.46 -6.46 -38.37
CA ASP C 57 10.78 -6.17 -37.76
C ASP C 57 10.73 -6.69 -36.33
N THR C 58 11.83 -7.30 -35.90
CA THR C 58 11.84 -7.94 -34.57
C THR C 58 13.09 -7.56 -33.77
N SER C 59 12.96 -7.52 -32.45
CA SER C 59 14.11 -7.30 -31.55
C SER C 59 13.97 -8.36 -30.47
N TYR C 60 15.06 -8.99 -30.07
CA TYR C 60 14.98 -10.10 -29.09
C TYR C 60 16.01 -9.93 -27.99
N SER C 61 15.79 -10.61 -26.86
CA SER C 61 16.82 -10.66 -25.79
C SER C 61 17.76 -11.78 -26.20
N GLN C 62 19.04 -11.70 -25.84
CA GLN C 62 20.04 -12.72 -26.25
C GLN C 62 19.63 -14.08 -25.71
N LYS C 63 19.00 -14.12 -24.53
CA LYS C 63 18.51 -15.37 -23.93
C LYS C 63 17.46 -16.04 -24.81
N PHE C 64 16.57 -15.26 -25.43
CA PHE C 64 15.45 -15.84 -26.20
C PHE C 64 15.73 -15.91 -27.70
N LYS C 65 16.88 -15.41 -28.15
CA LYS C 65 17.23 -15.57 -29.58
C LYS C 65 17.51 -17.05 -29.80
N GLY C 66 16.86 -17.65 -30.79
CA GLY C 66 17.01 -19.09 -31.03
C GLY C 66 16.10 -19.92 -30.15
N LYS C 67 15.31 -19.28 -29.28
CA LYS C 67 14.31 -20.01 -28.47
C LYS C 67 12.94 -19.47 -28.88
N ALA C 68 12.91 -18.20 -29.27
CA ALA C 68 11.61 -17.56 -29.60
C ALA C 68 11.61 -16.97 -31.01
N THR C 69 10.55 -17.25 -31.77
CA THR C 69 10.36 -16.65 -33.09
C THR C 69 9.04 -15.88 -33.07
N LEU C 70 9.08 -14.60 -33.39
CA LEU C 70 7.86 -13.76 -33.40
C LEU C 70 7.33 -13.64 -34.83
N THR C 71 6.03 -13.81 -35.01
CA THR C 71 5.37 -13.75 -36.33
C THR C 71 4.06 -12.99 -36.17
N THR C 72 3.42 -12.61 -37.28
CA THR C 72 2.16 -11.84 -37.23
C THR C 72 1.23 -12.25 -38.37
N ASP C 73 -0.08 -12.12 -38.18
CA ASP C 73 -1.05 -12.31 -39.29
C ASP C 73 -1.82 -10.99 -39.33
N THR C 74 -1.61 -10.20 -40.38
CA THR C 74 -2.25 -8.87 -40.49
C THR C 74 -3.77 -9.01 -40.62
N SER C 75 -4.22 -10.00 -41.39
CA SER C 75 -5.67 -10.22 -41.62
C SER C 75 -6.38 -10.58 -40.34
N SER C 76 -5.77 -11.40 -39.49
CA SER C 76 -6.43 -11.89 -38.26
C SER C 76 -6.13 -10.95 -37.10
N SER C 77 -5.25 -9.98 -37.32
CA SER C 77 -4.83 -9.05 -36.24
C SER C 77 -4.26 -9.88 -35.09
N THR C 78 -3.53 -10.94 -35.41
CA THR C 78 -2.98 -11.86 -34.39
C THR C 78 -1.45 -11.90 -34.43
N ALA C 79 -0.82 -11.86 -33.27
CA ALA C 79 0.65 -11.95 -33.16
C ALA C 79 1.00 -13.29 -32.53
N TYR C 80 2.08 -13.90 -32.96
CA TYR C 80 2.41 -15.25 -32.44
C TYR C 80 3.85 -15.34 -31.93
N MET C 81 4.07 -16.10 -30.86
CA MET C 81 5.43 -16.39 -30.37
C MET C 81 5.60 -17.89 -30.48
N GLN C 82 6.65 -18.35 -31.14
CA GLN C 82 6.96 -19.79 -31.21
C GLN C 82 8.15 -20.06 -30.32
N LEU C 83 8.02 -21.03 -29.42
CA LEU C 83 9.12 -21.43 -28.51
C LEU C 83 9.56 -22.82 -28.95
N SER C 84 10.86 -23.10 -28.95
CA SER C 84 11.37 -24.39 -29.47
C SER C 84 12.10 -25.19 -28.41
N SER C 85 12.15 -26.51 -28.56
CA SER C 85 12.89 -27.37 -27.61
C SER C 85 12.40 -27.09 -26.20
N LEU C 86 11.10 -27.18 -25.98
CA LEU C 86 10.56 -26.79 -24.66
C LEU C 86 11.07 -27.71 -23.56
N THR C 87 11.42 -27.12 -22.42
CA THR C 87 11.97 -27.87 -21.26
C THR C 87 11.18 -27.38 -20.05
N SER C 88 11.36 -28.00 -18.89
CA SER C 88 10.61 -27.63 -17.67
C SER C 88 10.92 -26.17 -17.33
N GLU C 89 12.10 -25.69 -17.71
CA GLU C 89 12.52 -24.30 -17.40
C GLU C 89 11.66 -23.34 -18.22
N ASP C 90 11.00 -23.83 -19.25
CA ASP C 90 10.18 -22.98 -20.13
C ASP C 90 8.75 -22.99 -19.62
N SER C 91 8.53 -23.63 -18.48
CA SER C 91 7.17 -23.69 -17.89
C SER C 91 6.94 -22.37 -17.16
N ALA C 92 6.10 -21.53 -17.72
CA ALA C 92 5.92 -20.19 -17.16
C ALA C 92 4.69 -19.53 -17.75
N VAL C 93 4.35 -18.33 -17.29
CA VAL C 93 3.24 -17.55 -17.89
C VAL C 93 3.87 -16.59 -18.89
N TYR C 94 3.40 -16.64 -20.12
CA TYR C 94 3.92 -15.76 -21.19
C TYR C 94 2.86 -14.70 -21.48
N TYR C 95 3.24 -13.44 -21.42
CA TYR C 95 2.29 -12.32 -21.59
C TYR C 95 2.54 -11.59 -22.90
N CYS C 96 1.48 -11.10 -23.53
CA CYS C 96 1.63 -10.24 -24.74
C CYS C 96 1.13 -8.85 -24.38
N ALA C 97 1.87 -7.83 -24.77
CA ALA C 97 1.52 -6.46 -24.40
C ALA C 97 1.73 -5.50 -25.58
N ARG C 98 1.04 -4.37 -25.56
CA ARG C 98 1.12 -3.41 -26.67
C ARG C 98 1.88 -2.17 -26.22
N ASP C 99 2.86 -1.75 -27.00
CA ASP C 99 3.54 -0.48 -26.71
C ASP C 99 2.62 0.54 -27.36
N GLY C 100 1.95 1.33 -26.53
CA GLY C 100 1.04 2.36 -27.05
C GLY C 100 1.66 3.71 -26.87
N GLU C 101 0.85 4.68 -26.50
CA GLU C 101 1.34 6.07 -26.38
C GLU C 101 2.42 6.09 -25.32
N ASN C 102 2.19 5.38 -24.23
CA ASN C 102 3.14 5.42 -23.09
C ASN C 102 3.49 3.99 -22.70
N VAL C 103 4.58 3.44 -23.21
CA VAL C 103 5.08 2.08 -22.85
C VAL C 103 3.98 1.01 -22.95
N LEU C 104 3.98 0.02 -22.07
CA LEU C 104 3.04 -1.12 -22.18
C LEU C 104 1.83 -0.87 -21.30
N ASP C 105 0.73 -0.40 -21.88
CA ASP C 105 -0.48 -0.04 -21.11
C ASP C 105 -1.51 -1.14 -21.31
N TYR C 106 -1.42 -1.82 -22.43
CA TYR C 106 -2.39 -2.89 -22.73
C TYR C 106 -1.67 -4.23 -22.67
N TRP C 107 -2.08 -5.06 -21.74
CA TRP C 107 -1.44 -6.38 -21.54
C TRP C 107 -2.51 -7.44 -21.71
N GLY C 108 -2.09 -8.66 -22.00
CA GLY C 108 -3.03 -9.78 -22.07
C GLY C 108 -3.11 -10.47 -20.73
N GLN C 109 -4.04 -11.40 -20.59
CA GLN C 109 -4.21 -12.16 -19.34
C GLN C 109 -2.97 -13.02 -19.08
N GLY C 110 -2.32 -13.49 -20.13
CA GLY C 110 -1.17 -14.38 -19.96
C GLY C 110 -1.47 -15.81 -20.34
N THR C 111 -0.48 -16.53 -20.86
CA THR C 111 -0.66 -17.95 -21.20
C THR C 111 0.24 -18.79 -20.29
N SER C 112 -0.36 -19.71 -19.54
CA SER C 112 0.44 -20.60 -18.67
C SER C 112 0.80 -21.86 -19.44
N VAL C 113 2.08 -22.08 -19.64
CA VAL C 113 2.55 -23.26 -20.41
C VAL C 113 3.08 -24.28 -19.42
N THR C 114 2.55 -25.49 -19.47
CA THR C 114 3.08 -26.58 -18.61
C THR C 114 3.80 -27.55 -19.55
N VAL C 115 5.08 -27.81 -19.28
CA VAL C 115 5.84 -28.78 -20.11
C VAL C 115 5.80 -30.12 -19.38
N SER C 116 4.98 -31.04 -19.88
CA SER C 116 4.81 -32.36 -19.24
C SER C 116 4.38 -33.37 -20.29
N SER C 117 4.68 -34.64 -20.06
CA SER C 117 4.27 -35.72 -20.98
C SER C 117 2.94 -36.25 -20.48
N ALA C 118 2.42 -35.64 -19.42
CA ALA C 118 1.17 -36.10 -18.81
C ALA C 118 -0.06 -35.58 -19.55
N SER C 119 -1.16 -36.30 -19.43
CA SER C 119 -2.44 -35.91 -20.08
C SER C 119 -3.21 -34.92 -19.22
N THR C 120 -4.14 -34.20 -19.83
CA THR C 120 -5.00 -33.31 -19.03
C THR C 120 -6.02 -34.18 -18.30
N LYS C 121 -6.10 -34.01 -16.99
CA LYS C 121 -7.05 -34.79 -16.16
C LYS C 121 -7.97 -33.81 -15.44
N GLY C 122 -9.26 -34.05 -15.53
CA GLY C 122 -10.28 -33.18 -14.91
C GLY C 122 -10.44 -33.36 -13.42
N PRO C 123 -10.93 -32.32 -12.72
CA PRO C 123 -11.07 -32.36 -11.28
C PRO C 123 -12.14 -33.22 -10.63
N SER C 124 -11.85 -33.72 -9.42
CA SER C 124 -12.88 -34.42 -8.63
C SER C 124 -13.23 -33.49 -7.47
N VAL C 125 -14.51 -33.12 -7.35
CA VAL C 125 -14.91 -32.13 -6.30
C VAL C 125 -15.64 -32.86 -5.19
N PHE C 126 -15.18 -32.65 -3.96
CA PHE C 126 -15.76 -33.34 -2.79
C PHE C 126 -16.19 -32.28 -1.78
N PRO C 127 -17.32 -32.44 -1.04
CA PRO C 127 -17.79 -31.37 -0.16
C PRO C 127 -17.13 -31.22 1.22
N LEU C 128 -16.82 -29.99 1.62
CA LEU C 128 -16.30 -29.75 3.00
C LEU C 128 -17.49 -29.23 3.81
N ALA C 129 -18.14 -30.11 4.57
CA ALA C 129 -19.39 -29.77 5.29
C ALA C 129 -19.16 -29.04 6.61
N PRO C 130 -20.05 -28.10 6.95
CA PRO C 130 -19.90 -27.36 8.19
C PRO C 130 -20.24 -28.24 9.40
N SER C 131 -19.81 -27.83 10.59
CA SER C 131 -20.02 -28.67 11.80
C SER C 131 -21.38 -28.46 12.42
N SER C 132 -22.06 -29.55 12.82
CA SER C 132 -23.33 -29.48 13.58
C SER C 132 -22.98 -28.95 14.97
N LYS C 133 -21.77 -29.24 15.44
CA LYS C 133 -21.30 -28.84 16.78
C LYS C 133 -21.21 -27.32 16.85
N SER C 134 -21.31 -26.67 15.69
CA SER C 134 -21.21 -25.19 15.66
C SER C 134 -22.25 -24.61 16.61
N THR C 135 -21.90 -23.55 17.33
CA THR C 135 -21.15 -22.42 16.71
C THR C 135 -20.08 -21.87 17.66
N SER C 136 -19.12 -21.12 17.11
CA SER C 136 -18.03 -20.51 17.91
C SER C 136 -18.30 -19.02 18.09
N GLY C 137 -19.49 -18.54 17.71
CA GLY C 137 -19.74 -17.09 17.73
C GLY C 137 -20.68 -16.73 16.59
N GLY C 138 -21.35 -17.74 16.03
CA GLY C 138 -22.32 -17.50 14.94
C GLY C 138 -21.71 -17.62 13.56
N THR C 139 -20.45 -18.06 13.46
CA THR C 139 -19.76 -18.13 12.14
C THR C 139 -19.44 -19.58 11.80
N ALA C 140 -19.75 -19.99 10.57
CA ALA C 140 -19.49 -21.37 10.14
C ALA C 140 -18.72 -21.40 8.82
N ALA C 141 -17.85 -22.39 8.66
CA ALA C 141 -17.03 -22.51 7.44
C ALA C 141 -17.45 -23.76 6.67
N LEU C 142 -17.68 -23.60 5.38
CA LEU C 142 -18.00 -24.75 4.51
C LEU C 142 -17.11 -24.62 3.29
N GLY C 143 -16.91 -25.69 2.55
CA GLY C 143 -15.96 -25.58 1.44
C GLY C 143 -16.08 -26.66 0.40
N CYS C 144 -15.22 -26.61 -0.61
CA CYS C 144 -15.19 -27.66 -1.65
C CYS C 144 -13.74 -28.12 -1.75
N LEU C 145 -13.49 -29.41 -1.86
CA LEU C 145 -12.11 -29.88 -2.09
C LEU C 145 -12.02 -30.29 -3.55
N VAL C 146 -11.19 -29.59 -4.32
CA VAL C 146 -10.98 -29.91 -5.77
C VAL C 146 -9.71 -30.75 -5.82
N LYS C 147 -9.79 -31.96 -6.35
CA LYS C 147 -8.64 -32.88 -6.24
C LYS C 147 -8.34 -33.62 -7.54
N ASP C 148 -7.09 -34.10 -7.69
CA ASP C 148 -6.68 -34.94 -8.84
C ASP C 148 -6.86 -34.27 -10.20
N TYR C 149 -6.33 -33.06 -10.36
CA TYR C 149 -6.42 -32.33 -11.64
C TYR C 149 -5.05 -31.93 -12.19
N PHE C 150 -4.89 -31.99 -13.50
CA PHE C 150 -3.67 -31.50 -14.18
C PHE C 150 -4.16 -31.06 -15.56
N PRO C 151 -3.64 -30.00 -16.20
CA PRO C 151 -2.74 -29.06 -15.57
C PRO C 151 -3.48 -27.98 -14.78
N GLU C 152 -2.75 -27.04 -14.20
CA GLU C 152 -3.41 -25.88 -13.56
C GLU C 152 -3.91 -25.01 -14.71
N PRO C 153 -4.97 -24.20 -14.60
CA PRO C 153 -5.65 -23.89 -13.35
C PRO C 153 -7.12 -24.25 -13.19
N VAL C 154 -7.63 -24.12 -11.97
CA VAL C 154 -9.09 -24.32 -11.73
C VAL C 154 -9.63 -23.03 -11.14
N THR C 155 -10.88 -22.72 -11.45
CA THR C 155 -11.56 -21.52 -10.90
C THR C 155 -12.73 -22.04 -10.06
N VAL C 156 -12.88 -21.55 -8.84
CA VAL C 156 -14.05 -21.92 -7.99
C VAL C 156 -14.86 -20.67 -7.67
N SER C 157 -16.17 -20.74 -7.83
CA SER C 157 -17.06 -19.63 -7.45
C SER C 157 -18.11 -20.23 -6.52
N TRP C 158 -18.72 -19.38 -5.71
CA TRP C 158 -19.73 -19.88 -4.75
C TRP C 158 -21.09 -19.29 -5.10
N ASN C 159 -22.12 -20.13 -5.15
CA ASN C 159 -23.51 -19.66 -5.44
C ASN C 159 -23.55 -18.88 -6.76
N SER C 160 -22.86 -19.38 -7.78
CA SER C 160 -22.90 -18.78 -9.14
C SER C 160 -22.46 -17.32 -9.16
N GLY C 161 -21.59 -16.91 -8.24
CA GLY C 161 -21.04 -15.54 -8.32
C GLY C 161 -21.66 -14.61 -7.30
N ALA C 162 -22.77 -15.02 -6.69
CA ALA C 162 -23.41 -14.21 -5.63
C ALA C 162 -22.53 -14.14 -4.38
N LEU C 163 -21.91 -15.25 -3.99
CA LEU C 163 -21.09 -15.29 -2.75
C LEU C 163 -19.66 -14.88 -3.08
N THR C 164 -19.27 -13.68 -2.67
CA THR C 164 -17.90 -13.16 -2.93
C THR C 164 -17.18 -12.90 -1.62
N SER C 165 -17.91 -12.71 -0.51
CA SER C 165 -17.25 -12.31 0.76
C SER C 165 -17.13 -13.47 1.73
N GLY C 166 -15.95 -13.62 2.34
CA GLY C 166 -15.68 -14.76 3.24
C GLY C 166 -15.08 -15.92 2.48
N VAL C 167 -14.78 -15.73 1.20
CA VAL C 167 -14.32 -16.85 0.36
C VAL C 167 -12.81 -16.87 0.31
N HIS C 168 -12.22 -18.00 0.65
CA HIS C 168 -10.76 -18.15 0.49
C HIS C 168 -10.49 -19.32 -0.44
N THR C 169 -10.00 -19.02 -1.65
CA THR C 169 -9.63 -20.11 -2.57
C THR C 169 -8.12 -20.22 -2.40
N PHE C 170 -7.68 -21.35 -1.87
CA PHE C 170 -6.26 -21.51 -1.53
C PHE C 170 -5.43 -21.83 -2.75
N PRO C 171 -4.14 -21.47 -2.75
CA PRO C 171 -3.28 -21.87 -3.84
C PRO C 171 -3.17 -23.40 -3.90
N ALA C 172 -3.08 -23.96 -5.10
CA ALA C 172 -3.04 -25.42 -5.26
C ALA C 172 -1.70 -26.01 -4.85
N VAL C 173 -1.70 -27.28 -4.49
CA VAL C 173 -0.44 -27.97 -4.09
C VAL C 173 -0.25 -29.16 -5.02
N LEU C 174 0.97 -29.36 -5.52
CA LEU C 174 1.26 -30.56 -6.34
C LEU C 174 1.44 -31.75 -5.40
N GLN C 175 0.67 -32.80 -5.65
CA GLN C 175 0.75 -34.01 -4.82
C GLN C 175 1.81 -34.92 -5.43
N SER C 176 2.15 -35.98 -4.71
CA SER C 176 3.17 -36.95 -5.20
C SER C 176 2.68 -37.55 -6.52
N SER C 177 1.36 -37.65 -6.69
CA SER C 177 0.74 -38.20 -7.91
C SER C 177 1.14 -37.39 -9.13
N GLY C 178 1.47 -36.11 -8.94
CA GLY C 178 1.77 -35.24 -10.08
C GLY C 178 0.50 -34.52 -10.45
N LEU C 179 -0.47 -34.58 -9.56
CA LEU C 179 -1.78 -33.94 -9.78
C LEU C 179 -1.97 -32.85 -8.74
N TYR C 180 -2.79 -31.86 -9.04
CA TYR C 180 -2.97 -30.70 -8.13
C TYR C 180 -4.24 -30.84 -7.30
N SER C 181 -4.21 -30.36 -6.06
CA SER C 181 -5.42 -30.32 -5.22
C SER C 181 -5.52 -28.96 -4.54
N LEU C 182 -6.73 -28.42 -4.42
CA LEU C 182 -6.94 -27.14 -3.70
C LEU C 182 -8.22 -27.18 -2.90
N SER C 183 -8.36 -26.26 -1.95
CA SER C 183 -9.59 -26.17 -1.14
C SER C 183 -10.16 -24.76 -1.33
N SER C 184 -11.48 -24.63 -1.37
CA SER C 184 -12.11 -23.29 -1.43
C SER C 184 -13.08 -23.23 -0.26
N VAL C 185 -12.94 -22.24 0.62
CA VAL C 185 -13.78 -22.24 1.83
C VAL C 185 -14.53 -20.91 1.91
N VAL C 186 -15.74 -20.93 2.45
CA VAL C 186 -16.46 -19.65 2.67
C VAL C 186 -16.92 -19.63 4.13
N THR C 187 -16.72 -18.49 4.81
CA THR C 187 -17.23 -18.34 6.19
C THR C 187 -18.62 -17.73 6.06
N VAL C 188 -19.63 -18.37 6.64
CA VAL C 188 -21.04 -17.93 6.45
C VAL C 188 -21.73 -17.83 7.81
N PRO C 189 -22.82 -17.05 7.95
CA PRO C 189 -23.57 -17.03 9.19
C PRO C 189 -24.14 -18.44 9.44
N SER C 190 -24.00 -18.94 10.66
CA SER C 190 -24.46 -20.32 10.98
C SER C 190 -25.98 -20.38 10.87
N SER C 191 -26.65 -19.26 11.14
CA SER C 191 -28.12 -19.17 11.06
C SER C 191 -28.57 -19.50 9.65
N SER C 192 -27.77 -19.14 8.64
CA SER C 192 -28.13 -19.32 7.21
C SER C 192 -28.05 -20.76 6.72
N LEU C 193 -27.44 -21.65 7.48
CA LEU C 193 -27.20 -23.00 6.94
C LEU C 193 -28.52 -23.67 6.56
N GLY C 194 -29.57 -23.57 7.38
CA GLY C 194 -30.90 -24.10 6.98
C GLY C 194 -31.56 -23.31 5.88
N THR C 195 -31.49 -21.98 5.94
CA THR C 195 -32.19 -21.13 4.95
C THR C 195 -31.51 -21.21 3.57
N GLN C 196 -30.30 -20.68 3.43
CA GLN C 196 -29.62 -20.61 2.10
C GLN C 196 -28.96 -21.94 1.73
N THR C 197 -28.77 -22.14 0.43
CA THR C 197 -28.12 -23.38 -0.08
C THR C 197 -26.78 -22.98 -0.67
N TYR C 198 -25.71 -23.70 -0.32
CA TYR C 198 -24.36 -23.31 -0.77
C TYR C 198 -23.85 -24.33 -1.80
N ILE C 199 -23.68 -23.90 -3.04
CA ILE C 199 -23.18 -24.79 -4.12
C ILE C 199 -21.91 -24.15 -4.68
N CYS C 200 -20.85 -24.94 -4.84
CA CYS C 200 -19.60 -24.41 -5.43
C CYS C 200 -19.51 -24.76 -6.91
N ASN C 201 -19.09 -23.80 -7.71
CA ASN C 201 -19.00 -24.01 -9.16
C ASN C 201 -17.52 -24.12 -9.51
N VAL C 202 -17.11 -25.29 -10.01
CA VAL C 202 -15.68 -25.52 -10.32
C VAL C 202 -15.52 -25.58 -11.83
N ASN C 203 -14.58 -24.83 -12.37
CA ASN C 203 -14.28 -24.93 -13.81
C ASN C 203 -12.82 -25.28 -14.05
N HIS C 204 -12.58 -26.32 -14.86
CA HIS C 204 -11.21 -26.63 -15.31
C HIS C 204 -11.27 -26.42 -16.80
N LYS C 205 -10.89 -25.22 -17.25
CA LYS C 205 -10.92 -24.89 -18.69
C LYS C 205 -9.99 -25.84 -19.46
N PRO C 206 -8.82 -26.27 -18.94
CA PRO C 206 -8.00 -27.22 -19.69
C PRO C 206 -8.71 -28.50 -20.13
N SER C 207 -9.60 -29.06 -19.30
CA SER C 207 -10.32 -30.31 -19.60
C SER C 207 -11.78 -30.07 -19.99
N ASN C 208 -12.26 -28.82 -19.96
CA ASN C 208 -13.70 -28.50 -20.17
C ASN C 208 -14.56 -29.26 -19.17
N THR C 209 -14.10 -29.36 -17.93
CA THR C 209 -14.89 -30.02 -16.87
C THR C 209 -15.52 -28.92 -16.01
N LYS C 210 -16.84 -28.94 -15.87
CA LYS C 210 -17.51 -27.98 -14.97
C LYS C 210 -18.32 -28.82 -14.00
N VAL C 211 -18.13 -28.59 -12.70
CA VAL C 211 -18.84 -29.38 -11.66
C VAL C 211 -19.52 -28.43 -10.68
N ASP C 212 -20.77 -28.71 -10.30
CA ASP C 212 -21.45 -27.92 -9.25
C ASP C 212 -21.70 -28.90 -8.10
N LYS C 213 -21.12 -28.64 -6.92
CA LYS C 213 -21.31 -29.52 -5.74
C LYS C 213 -22.04 -28.76 -4.64
N ARG C 214 -23.10 -29.34 -4.11
CA ARG C 214 -23.90 -28.68 -3.05
C ARG C 214 -23.32 -29.10 -1.71
N VAL C 215 -23.06 -28.13 -0.85
CA VAL C 215 -22.44 -28.43 0.46
C VAL C 215 -23.55 -28.50 1.51
N GLU C 216 -23.77 -29.67 2.09
CA GLU C 216 -24.87 -29.92 3.06
C GLU C 216 -26.22 -29.81 2.35
N GLN D 108 -18.45 2.31 37.34
CA GLN D 108 -17.01 2.20 37.07
C GLN D 108 -16.52 0.79 37.44
N ILE D 109 -15.88 0.11 36.49
CA ILE D 109 -15.42 -1.28 36.75
C ILE D 109 -14.12 -1.22 37.52
N VAL D 110 -14.00 -1.99 38.58
CA VAL D 110 -12.87 -1.98 39.50
C VAL D 110 -12.01 -3.20 39.25
N LEU D 111 -10.74 -2.97 38.95
CA LEU D 111 -9.82 -4.10 38.67
C LEU D 111 -8.89 -4.25 39.87
N THR D 112 -8.90 -5.42 40.50
CA THR D 112 -8.08 -5.65 41.71
C THR D 112 -6.96 -6.62 41.36
N GLN D 113 -5.72 -6.19 41.56
CA GLN D 113 -4.56 -7.04 41.23
C GLN D 113 -3.89 -7.49 42.53
N SER D 114 -3.71 -8.80 42.68
CA SER D 114 -3.02 -9.34 43.87
C SER D 114 -1.95 -10.33 43.42
N PRO D 115 -0.74 -10.34 44.03
CA PRO D 115 -0.30 -9.29 44.95
C PRO D 115 0.22 -7.99 44.32
N SER D 116 0.39 -6.93 45.10
CA SER D 116 0.96 -5.65 44.60
C SER D 116 2.42 -5.82 44.20
N SER D 117 3.16 -6.60 44.98
CA SER D 117 4.59 -6.86 44.67
C SER D 117 4.91 -8.32 44.93
N LEU D 118 5.72 -8.92 44.08
CA LEU D 118 6.20 -10.29 44.34
C LEU D 118 7.64 -10.40 43.88
N ALA D 119 8.44 -11.19 44.57
CA ALA D 119 9.85 -11.40 44.19
C ALA D 119 10.01 -12.86 43.78
N VAL D 120 10.65 -13.10 42.64
CA VAL D 120 10.77 -14.49 42.13
C VAL D 120 12.20 -14.72 41.66
N SER D 121 12.64 -15.97 41.66
CA SER D 121 13.99 -16.32 41.16
C SER D 121 13.92 -16.45 39.64
N VAL D 122 15.05 -16.30 38.95
CA VAL D 122 15.05 -16.50 37.48
C VAL D 122 14.76 -17.97 37.15
N GLY D 123 13.90 -18.24 36.18
CA GLY D 123 13.49 -19.61 35.81
C GLY D 123 12.18 -20.03 36.44
N GLU D 124 11.68 -19.24 37.38
CA GLU D 124 10.43 -19.56 38.09
C GLU D 124 9.21 -19.16 37.29
N LYS D 125 8.12 -19.92 37.41
CA LYS D 125 6.83 -19.55 36.76
C LYS D 125 6.15 -18.54 37.65
N VAL D 126 5.53 -17.53 37.05
CA VAL D 126 4.80 -16.49 37.83
C VAL D 126 3.37 -16.37 37.32
N THR D 127 2.41 -16.34 38.23
CA THR D 127 0.99 -16.16 37.88
C THR D 127 0.54 -14.83 38.50
N LEU D 128 0.17 -13.86 37.68
CA LEU D 128 -0.31 -12.54 38.17
C LEU D 128 -1.83 -12.51 38.04
N SER D 129 -2.53 -11.80 38.93
CA SER D 129 -4.01 -11.89 38.94
C SER D 129 -4.73 -10.56 38.77
N CYS D 130 -5.79 -10.55 37.98
CA CYS D 130 -6.67 -9.37 37.83
C CYS D 130 -8.06 -9.90 38.16
N LYS D 131 -8.75 -9.27 39.11
CA LYS D 131 -10.15 -9.66 39.41
C LYS D 131 -11.06 -8.47 39.13
N SER D 132 -12.16 -8.70 38.43
CA SER D 132 -13.04 -7.58 38.01
C SER D 132 -14.35 -7.53 38.80
N SER D 133 -14.81 -6.33 39.10
CA SER D 133 -16.10 -6.15 39.80
C SER D 133 -17.21 -6.69 38.91
N GLN D 134 -17.11 -6.49 37.59
CA GLN D 134 -18.17 -6.93 36.66
C GLN D 134 -17.57 -7.80 35.56
N SER D 135 -18.37 -8.67 34.95
CA SER D 135 -17.91 -9.56 33.86
C SER D 135 -17.42 -8.75 32.68
N LEU D 136 -16.28 -9.14 32.12
CA LEU D 136 -15.71 -8.43 30.95
C LEU D 136 -15.98 -9.30 29.72
N LEU D 137 -16.83 -10.31 29.87
CA LEU D 137 -17.21 -11.19 28.74
C LEU D 137 -18.32 -10.56 27.91
N TYR D 138 -18.15 -10.54 26.60
CA TYR D 138 -19.20 -10.02 25.70
C TYR D 138 -19.85 -11.23 25.06
N SER D 139 -21.17 -11.34 25.20
CA SER D 139 -21.89 -12.52 24.69
C SER D 139 -21.78 -12.65 23.17
N ASN D 140 -21.79 -11.52 22.47
CA ASN D 140 -21.83 -11.59 20.99
C ASN D 140 -20.60 -12.28 20.39
N ASN D 141 -19.41 -11.96 20.86
CA ASN D 141 -18.16 -12.56 20.31
C ASN D 141 -17.58 -13.59 21.29
N GLN D 142 -18.08 -13.63 22.52
CA GLN D 142 -17.56 -14.56 23.57
C GLN D 142 -16.09 -14.28 23.83
N LYS D 143 -15.72 -12.99 23.77
CA LYS D 143 -14.33 -12.56 24.01
C LYS D 143 -14.33 -11.68 25.27
N ASN D 144 -13.27 -11.74 26.05
CA ASN D 144 -13.16 -10.95 27.30
C ASN D 144 -12.36 -9.69 27.03
N TYR D 145 -12.93 -8.53 27.37
CA TYR D 145 -12.30 -7.23 27.07
C TYR D 145 -11.32 -6.82 28.16
N LEU D 146 -10.17 -7.48 28.23
CA LEU D 146 -9.09 -7.12 29.20
C LEU D 146 -7.76 -7.09 28.46
N ALA D 147 -6.90 -6.15 28.82
CA ALA D 147 -5.56 -6.02 28.21
C ALA D 147 -4.51 -6.02 29.30
N TRP D 148 -3.32 -6.50 28.98
CA TRP D 148 -2.20 -6.54 29.95
C TRP D 148 -1.06 -5.65 29.45
N TYR D 149 -0.49 -4.87 30.34
CA TYR D 149 0.62 -3.95 29.98
C TYR D 149 1.81 -4.20 30.89
N GLN D 150 3.02 -3.95 30.38
CA GLN D 150 4.26 -4.05 31.17
C GLN D 150 4.92 -2.68 31.12
N GLN D 151 5.20 -2.08 32.26
CA GLN D 151 5.97 -0.81 32.26
C GLN D 151 7.29 -1.08 32.97
N LYS D 152 8.38 -1.02 32.23
CA LYS D 152 9.72 -1.18 32.84
C LYS D 152 10.11 0.18 33.38
N SER D 153 11.15 0.24 34.19
CA SER D 153 11.50 1.53 34.84
C SER D 153 11.89 2.59 33.82
N GLY D 154 11.36 3.79 33.99
CA GLY D 154 11.73 4.91 33.12
C GLY D 154 11.21 4.77 31.71
N ARG D 155 10.15 4.00 31.52
CA ARG D 155 9.71 3.75 30.14
C ARG D 155 8.19 3.83 30.06
N SER D 156 7.64 3.99 28.87
CA SER D 156 6.17 4.02 28.67
C SER D 156 5.61 2.60 28.80
N PRO D 157 4.31 2.44 29.09
CA PRO D 157 3.72 1.11 29.12
C PRO D 157 3.68 0.39 27.77
N LYS D 158 3.92 -0.92 27.77
CA LYS D 158 3.92 -1.74 26.52
C LYS D 158 2.80 -2.77 26.61
N LEU D 159 2.00 -2.87 25.55
CA LEU D 159 0.92 -3.87 25.50
C LEU D 159 1.52 -5.23 25.24
N LEU D 160 1.17 -6.18 26.08
CA LEU D 160 1.67 -7.57 25.90
C LEU D 160 0.52 -8.41 25.36
N LEU D 161 -0.66 -8.29 25.97
CA LEU D 161 -1.82 -9.14 25.58
C LEU D 161 -3.11 -8.30 25.46
N HIS D 162 -3.97 -8.64 24.50
CA HIS D 162 -5.29 -7.98 24.32
C HIS D 162 -6.33 -9.09 24.20
N TRP D 163 -7.58 -8.83 24.54
CA TRP D 163 -8.65 -9.88 24.56
C TRP D 163 -8.21 -11.04 25.45
N THR D 164 -7.52 -10.74 26.55
CA THR D 164 -7.04 -11.75 27.54
C THR D 164 -5.88 -12.61 27.02
N SER D 165 -6.07 -13.35 25.92
CA SER D 165 -5.08 -14.33 25.43
C SER D 165 -4.27 -13.92 24.22
N THR D 166 -4.55 -12.76 23.63
CA THR D 166 -3.87 -12.42 22.34
C THR D 166 -2.55 -11.69 22.56
N ARG D 167 -1.45 -12.36 22.24
CA ARG D 167 -0.10 -11.77 22.39
C ARG D 167 0.15 -10.82 21.22
N GLU D 168 0.83 -9.73 21.50
CA GLU D 168 1.17 -8.76 20.45
C GLU D 168 2.44 -9.22 19.76
N SER D 169 2.77 -8.58 18.65
CA SER D 169 3.98 -8.95 17.91
C SER D 169 5.22 -8.71 18.76
N GLY D 170 6.17 -9.64 18.76
CA GLY D 170 7.46 -9.42 19.43
C GLY D 170 7.46 -9.76 20.89
N VAL D 171 6.30 -10.12 21.41
CA VAL D 171 6.18 -10.48 22.85
C VAL D 171 6.68 -11.91 22.94
N PRO D 172 7.57 -12.21 23.89
CA PRO D 172 8.04 -13.57 24.03
C PRO D 172 6.88 -14.51 24.39
N ASP D 173 6.96 -15.77 23.95
CA ASP D 173 5.87 -16.75 24.15
C ASP D 173 5.70 -17.11 25.63
N ARG D 174 6.67 -16.76 26.46
CA ARG D 174 6.61 -17.03 27.93
C ARG D 174 5.41 -16.30 28.52
N PHE D 175 5.13 -15.10 28.03
CA PHE D 175 3.95 -14.34 28.47
C PHE D 175 2.71 -14.98 27.87
N THR D 176 1.73 -15.31 28.71
CA THR D 176 0.50 -16.02 28.28
C THR D 176 -0.67 -15.39 29.04
N GLY D 177 -1.87 -15.40 28.46
CA GLY D 177 -3.04 -14.82 29.12
C GLY D 177 -4.18 -15.82 29.19
N SER D 178 -4.89 -15.83 30.32
CA SER D 178 -6.05 -16.71 30.52
C SER D 178 -7.06 -16.05 31.44
N GLY D 179 -8.32 -16.51 31.41
CA GLY D 179 -9.33 -16.00 32.33
C GLY D 179 -10.67 -15.78 31.66
N SER D 180 -11.75 -15.77 32.43
CA SER D 180 -13.07 -15.43 31.84
C SER D 180 -13.87 -14.67 32.89
N GLY D 181 -14.75 -13.77 32.48
CA GLY D 181 -15.63 -13.07 33.42
C GLY D 181 -14.91 -12.17 34.37
N THR D 182 -14.86 -12.54 35.64
CA THR D 182 -14.26 -11.69 36.69
C THR D 182 -12.81 -12.08 37.02
N ASP D 183 -12.35 -13.27 36.65
CA ASP D 183 -11.01 -13.70 37.11
C ASP D 183 -10.07 -13.89 35.91
N PHE D 184 -8.93 -13.20 35.93
CA PHE D 184 -7.97 -13.25 34.82
C PHE D 184 -6.54 -13.42 35.35
N THR D 185 -5.68 -14.06 34.57
CA THR D 185 -4.30 -14.32 35.02
C THR D 185 -3.26 -14.05 33.93
N LEU D 186 -2.14 -13.41 34.27
CA LEU D 186 -1.00 -13.28 33.33
C LEU D 186 0.05 -14.28 33.83
N THR D 187 0.49 -15.18 32.96
CA THR D 187 1.45 -16.23 33.38
C THR D 187 2.76 -16.05 32.63
N ILE D 188 3.87 -16.00 33.38
CA ILE D 188 5.20 -15.96 32.74
C ILE D 188 5.82 -17.31 33.08
N SER D 189 6.17 -18.08 32.06
CA SER D 189 6.81 -19.40 32.25
C SER D 189 8.30 -19.15 32.17
N SER D 190 9.07 -19.52 33.20
CA SER D 190 10.50 -19.17 33.21
C SER D 190 10.75 -17.66 33.12
N VAL D 191 10.53 -16.94 34.22
CA VAL D 191 10.84 -15.47 34.25
C VAL D 191 12.33 -15.23 34.04
N LYS D 192 12.67 -14.20 33.26
CA LYS D 192 14.07 -13.82 32.98
C LYS D 192 14.30 -12.51 33.73
N ALA D 193 15.54 -12.09 33.91
CA ALA D 193 15.84 -10.89 34.71
C ALA D 193 15.28 -9.63 34.06
N GLU D 194 15.13 -9.64 32.74
CA GLU D 194 14.61 -8.48 31.97
C GLU D 194 13.11 -8.35 32.19
N ASP D 195 12.52 -9.34 32.83
CA ASP D 195 11.05 -9.36 33.03
C ASP D 195 10.73 -8.47 34.24
N LEU D 196 11.75 -7.79 34.75
CA LEU D 196 11.59 -6.86 35.90
C LEU D 196 10.76 -5.67 35.45
N ALA D 197 9.51 -5.62 35.87
CA ALA D 197 8.60 -4.51 35.51
C ALA D 197 7.36 -4.47 36.39
N VAL D 198 6.55 -3.42 36.26
CA VAL D 198 5.24 -3.37 36.95
C VAL D 198 4.22 -3.73 35.88
N TYR D 199 3.42 -4.77 36.13
CA TYR D 199 2.45 -5.28 35.13
C TYR D 199 1.04 -4.81 35.48
N TYR D 200 0.35 -4.22 34.53
CA TYR D 200 -0.98 -3.65 34.79
C TYR D 200 -2.05 -4.29 33.91
N CYS D 201 -3.25 -4.40 34.46
CA CYS D 201 -4.39 -4.91 33.66
C CYS D 201 -5.33 -3.72 33.37
N GLN D 202 -5.90 -3.67 32.18
CA GLN D 202 -6.88 -2.62 31.82
C GLN D 202 -8.14 -3.27 31.24
N GLN D 203 -9.31 -2.74 31.57
CA GLN D 203 -10.57 -3.24 30.99
C GLN D 203 -11.06 -2.25 29.93
N TYR D 204 -11.51 -2.76 28.78
CA TYR D 204 -12.06 -1.89 27.72
C TYR D 204 -13.53 -2.25 27.44
N TYR D 205 -14.17 -2.97 28.35
CA TYR D 205 -15.58 -3.42 28.17
C TYR D 205 -16.55 -2.26 28.24
N THR D 206 -16.32 -1.35 29.17
CA THR D 206 -17.22 -0.19 29.37
C THR D 206 -16.39 1.06 29.62
N TYR D 207 -16.98 2.23 29.40
CA TYR D 207 -16.32 3.48 29.78
C TYR D 207 -17.04 3.92 31.05
N PRO D 208 -16.37 4.38 32.11
CA PRO D 208 -14.95 4.67 32.08
C PRO D 208 -13.97 3.51 31.97
N TRP D 209 -12.89 3.69 31.20
CA TRP D 209 -11.85 2.65 31.13
C TRP D 209 -11.09 2.66 32.45
N THR D 210 -10.69 1.49 32.94
CA THR D 210 -10.04 1.39 34.26
C THR D 210 -8.78 0.52 34.20
N PHE D 211 -7.82 0.81 35.07
CA PHE D 211 -6.57 0.03 35.13
C PHE D 211 -6.44 -0.54 36.54
N GLY D 212 -5.69 -1.63 36.68
CA GLY D 212 -5.40 -2.20 38.01
C GLY D 212 -4.27 -1.47 38.69
N GLY D 213 -4.07 -1.73 39.98
CA GLY D 213 -2.97 -1.10 40.76
C GLY D 213 -1.61 -1.47 40.26
N GLY D 214 -1.49 -2.68 39.74
CA GLY D 214 -0.23 -3.14 39.17
C GLY D 214 0.47 -4.14 40.07
N THR D 215 1.25 -5.02 39.46
CA THR D 215 2.08 -5.94 40.25
C THR D 215 3.53 -5.66 39.88
N LYS D 216 4.36 -5.33 40.87
CA LYS D 216 5.79 -5.09 40.61
C LYS D 216 6.53 -6.41 40.75
N LEU D 217 7.09 -6.90 39.65
CA LEU D 217 7.87 -8.15 39.68
C LEU D 217 9.30 -7.80 40.06
N GLU D 218 9.77 -8.36 41.16
CA GLU D 218 11.17 -8.16 41.58
C GLU D 218 11.86 -9.49 41.35
N ILE D 219 13.18 -9.49 41.20
CA ILE D 219 13.92 -10.75 40.98
C ILE D 219 14.72 -11.13 42.22
N LYS D 220 14.68 -12.41 42.62
CA LYS D 220 15.48 -12.92 43.74
C LYS D 220 16.82 -13.41 43.17
N ARG D 221 17.89 -13.30 43.94
CA ARG D 221 19.26 -13.49 43.50
C ARG D 221 20.04 -13.82 44.76
N THR D 222 21.20 -14.42 44.62
CA THR D 222 22.16 -14.67 45.70
C THR D 222 22.69 -13.34 46.24
N VAL D 223 23.08 -13.34 47.53
CA VAL D 223 23.66 -12.14 48.11
C VAL D 223 24.92 -11.74 47.34
N ALA D 224 25.07 -10.44 47.08
CA ALA D 224 26.26 -9.90 46.44
C ALA D 224 26.76 -8.73 47.27
N ALA D 225 28.01 -8.80 47.70
CA ALA D 225 28.63 -7.68 48.40
C ALA D 225 28.82 -6.50 47.46
N PRO D 226 28.66 -5.28 47.95
CA PRO D 226 28.94 -4.12 47.11
C PRO D 226 30.42 -3.99 46.83
N SER D 227 30.74 -3.34 45.73
CA SER D 227 32.09 -2.88 45.48
C SER D 227 32.14 -1.40 45.84
N VAL D 228 32.98 -1.06 46.81
CA VAL D 228 32.96 0.32 47.38
C VAL D 228 34.09 1.17 46.84
N PHE D 229 33.74 2.34 46.31
CA PHE D 229 34.72 3.26 45.71
C PHE D 229 34.49 4.66 46.30
N ILE D 230 35.55 5.42 46.53
CA ILE D 230 35.40 6.80 47.03
C ILE D 230 35.95 7.76 45.98
N PHE D 231 35.23 8.85 45.75
CA PHE D 231 35.67 9.85 44.74
C PHE D 231 35.94 11.18 45.42
N PRO D 232 37.21 11.63 45.46
CA PRO D 232 37.54 12.94 46.03
C PRO D 232 36.98 14.10 45.20
N PRO D 233 36.67 15.25 45.83
CA PRO D 233 36.14 16.39 45.11
C PRO D 233 37.03 16.90 43.98
N SER D 234 36.44 17.30 42.85
CA SER D 234 37.20 17.85 41.70
C SER D 234 37.70 19.26 41.98
N ASP D 235 38.81 19.64 41.37
CA ASP D 235 39.40 21.00 41.54
C ASP D 235 38.44 22.03 40.96
N GLU D 236 37.74 21.69 39.89
CA GLU D 236 36.77 22.62 39.28
C GLU D 236 35.70 22.97 40.32
N GLN D 237 35.22 21.97 41.05
CA GLN D 237 34.13 22.25 42.00
C GLN D 237 34.65 23.14 43.13
N LEU D 238 35.88 22.90 43.59
CA LEU D 238 36.44 23.65 44.74
C LEU D 238 36.52 25.13 44.39
N LYS D 239 36.72 25.46 43.12
CA LYS D 239 36.73 26.87 42.65
C LYS D 239 35.39 27.51 42.96
N SER D 240 34.31 26.77 42.84
CA SER D 240 32.94 27.28 43.15
C SER D 240 32.74 27.46 44.66
N GLY D 241 33.61 26.89 45.48
CA GLY D 241 33.49 27.02 46.94
C GLY D 241 32.74 25.87 47.57
N THR D 242 32.44 24.83 46.80
CA THR D 242 31.70 23.66 47.32
C THR D 242 32.52 22.40 47.11
N ALA D 243 32.55 21.51 48.10
CA ALA D 243 33.25 20.23 47.94
C ALA D 243 32.24 19.10 48.10
N SER D 244 32.15 18.23 47.10
CA SER D 244 31.24 17.07 47.17
C SER D 244 32.05 15.78 47.13
N VAL D 245 31.94 14.94 48.17
CA VAL D 245 32.64 13.63 48.22
C VAL D 245 31.62 12.53 47.92
N VAL D 246 31.87 11.72 46.89
CA VAL D 246 30.90 10.67 46.48
C VAL D 246 31.43 9.28 46.80
N CYS D 247 30.61 8.46 47.43
CA CYS D 247 30.97 7.06 47.76
C CYS D 247 30.02 6.19 46.95
N LEU D 248 30.56 5.22 46.22
CA LEU D 248 29.70 4.37 45.36
C LEU D 248 29.69 2.95 45.89
N LEU D 249 28.51 2.44 46.21
CA LEU D 249 28.37 1.02 46.58
C LEU D 249 27.83 0.43 45.28
N ASN D 250 28.53 -0.53 44.68
CA ASN D 250 28.16 -0.98 43.32
C ASN D 250 27.78 -2.45 43.22
N ASN D 251 26.70 -2.75 42.52
CA ASN D 251 26.30 -4.15 42.23
C ASN D 251 26.13 -5.02 43.46
N PHE D 252 25.10 -4.70 44.26
CA PHE D 252 24.86 -5.46 45.52
C PHE D 252 23.44 -5.98 45.65
N TYR D 253 23.27 -7.15 46.26
CA TYR D 253 21.94 -7.68 46.62
C TYR D 253 22.18 -8.29 47.99
N PRO D 254 21.33 -8.15 49.02
CA PRO D 254 20.09 -7.39 48.98
C PRO D 254 20.20 -5.86 49.02
N ARG D 255 19.09 -5.15 48.78
CA ARG D 255 19.08 -3.66 48.69
C ARG D 255 19.50 -2.99 49.99
N GLU D 256 19.24 -3.61 51.13
CA GLU D 256 19.53 -2.93 52.42
C GLU D 256 21.01 -2.62 52.54
N ALA D 257 21.33 -1.36 52.77
CA ALA D 257 22.73 -0.93 52.94
C ALA D 257 22.69 0.39 53.72
N LYS D 258 23.72 0.65 54.53
CA LYS D 258 23.81 1.91 55.29
C LYS D 258 25.18 2.54 55.03
N VAL D 259 25.22 3.85 54.80
CA VAL D 259 26.52 4.55 54.63
C VAL D 259 26.62 5.69 55.65
N GLN D 260 27.66 5.67 56.49
CA GLN D 260 27.93 6.73 57.48
C GLN D 260 29.26 7.38 57.15
N TRP D 261 29.33 8.72 57.22
CA TRP D 261 30.56 9.45 56.82
C TRP D 261 31.33 9.88 58.06
N LYS D 262 32.63 9.60 58.10
CA LYS D 262 33.48 9.98 59.24
C LYS D 262 34.61 10.89 58.75
N VAL D 263 34.58 12.16 59.13
CA VAL D 263 35.68 13.10 58.76
C VAL D 263 36.62 13.23 59.95
N ASP D 264 37.85 12.73 59.82
CA ASP D 264 38.82 12.69 60.94
C ASP D 264 38.23 11.88 62.10
N ASN D 265 37.53 10.78 61.80
CA ASN D 265 36.97 9.83 62.80
C ASN D 265 35.80 10.44 63.53
N ALA D 266 35.27 11.55 63.03
CA ALA D 266 34.11 12.18 63.65
C ALA D 266 32.90 11.92 62.78
N LEU D 267 31.89 11.28 63.33
CA LEU D 267 30.70 10.93 62.54
C LEU D 267 30.03 12.21 62.05
N GLN D 268 29.61 12.23 60.79
CA GLN D 268 29.01 13.44 60.20
C GLN D 268 27.51 13.29 60.12
N SER D 269 26.77 14.34 60.49
CA SER D 269 25.29 14.32 60.39
C SER D 269 24.78 15.57 59.69
N GLY D 270 23.81 15.42 58.78
CA GLY D 270 23.14 16.56 58.11
C GLY D 270 23.79 17.02 56.82
N ASN D 271 24.86 16.37 56.37
CA ASN D 271 25.59 16.86 55.19
C ASN D 271 25.62 15.79 54.09
N SER D 272 24.86 14.72 54.25
CA SER D 272 24.93 13.59 53.31
C SER D 272 23.57 13.25 52.69
N GLN D 273 23.54 12.96 51.39
CA GLN D 273 22.28 12.53 50.71
C GLN D 273 22.53 11.23 49.92
N GLU D 274 21.59 10.29 49.94
CA GLU D 274 21.80 8.97 49.28
C GLU D 274 20.76 8.67 48.20
N SER D 275 21.17 8.03 47.11
CA SER D 275 20.25 7.59 46.03
C SER D 275 20.54 6.11 45.74
N VAL D 276 19.50 5.29 45.56
CA VAL D 276 19.66 3.86 45.21
C VAL D 276 19.04 3.62 43.84
N THR D 277 19.72 2.84 43.01
CA THR D 277 19.22 2.53 41.66
C THR D 277 18.11 1.49 41.72
N GLU D 278 17.36 1.32 40.64
CA GLU D 278 16.38 0.23 40.56
C GLU D 278 17.17 -1.03 40.24
N GLN D 279 16.56 -2.20 40.41
CA GLN D 279 17.26 -3.47 40.13
C GLN D 279 17.70 -3.47 38.67
N ASP D 280 18.90 -3.99 38.41
CA ASP D 280 19.41 -4.06 37.03
C ASP D 280 18.70 -5.17 36.25
N SER D 281 18.53 -4.97 34.95
CA SER D 281 17.84 -5.93 34.06
C SER D 281 18.69 -7.18 33.80
N LYS D 282 19.97 -7.12 34.14
CA LYS D 282 20.87 -8.24 33.81
C LYS D 282 21.37 -8.96 35.05
N ASP D 283 21.85 -8.24 36.07
CA ASP D 283 22.46 -8.88 37.27
C ASP D 283 21.51 -8.85 38.46
N SER D 284 20.35 -8.22 38.32
CA SER D 284 19.34 -8.15 39.40
C SER D 284 19.96 -7.55 40.65
N THR D 285 20.76 -6.50 40.50
CA THR D 285 21.50 -5.91 41.64
C THR D 285 21.16 -4.44 41.80
N TYR D 286 21.56 -3.85 42.93
CA TYR D 286 21.27 -2.43 43.23
C TYR D 286 22.58 -1.70 43.43
N SER D 287 22.60 -0.41 43.18
CA SER D 287 23.81 0.43 43.40
C SER D 287 23.40 1.66 44.21
N LEU D 288 24.29 2.18 45.06
CA LEU D 288 23.95 3.33 45.95
C LEU D 288 25.01 4.43 45.85
N SER D 289 24.58 5.69 45.86
CA SER D 289 25.55 6.81 45.91
C SER D 289 25.26 7.68 47.14
N SER D 290 26.25 7.87 48.00
CA SER D 290 26.09 8.84 49.11
C SER D 290 26.97 10.03 48.78
N THR D 291 26.43 11.25 48.84
CA THR D 291 27.23 12.45 48.59
C THR D 291 27.35 13.28 49.87
N LEU D 292 28.58 13.58 50.29
CA LEU D 292 28.83 14.46 51.45
C LEU D 292 29.18 15.82 50.88
N THR D 293 28.38 16.82 51.21
CA THR D 293 28.58 18.17 50.66
C THR D 293 29.09 19.08 51.78
N LEU D 294 30.24 19.71 51.56
CA LEU D 294 30.85 20.59 52.58
C LEU D 294 31.28 21.87 51.88
N SER D 295 31.48 22.93 52.63
CA SER D 295 32.05 24.16 52.04
C SER D 295 33.51 23.86 51.74
N LYS D 296 34.13 24.56 50.78
CA LYS D 296 35.57 24.34 50.54
C LYS D 296 36.34 24.63 51.83
N ALA D 297 35.86 25.57 52.62
CA ALA D 297 36.55 25.96 53.89
C ALA D 297 36.62 24.78 54.86
N ASP D 298 35.51 24.09 55.07
CA ASP D 298 35.52 22.89 55.94
C ASP D 298 36.38 21.82 55.28
N TYR D 299 36.36 21.72 53.95
CA TYR D 299 37.11 20.62 53.28
C TYR D 299 38.59 20.75 53.59
N GLU D 300 39.10 21.97 53.61
CA GLU D 300 40.55 22.19 53.79
C GLU D 300 40.95 22.15 55.27
N LYS D 301 39.98 22.10 56.18
CA LYS D 301 40.28 21.98 57.62
C LYS D 301 40.42 20.50 58.01
N HIS D 302 40.14 19.56 57.10
CA HIS D 302 40.16 18.13 57.50
C HIS D 302 40.97 17.29 56.51
N LYS D 303 41.54 16.17 56.97
CA LYS D 303 42.45 15.36 56.11
C LYS D 303 41.80 14.04 55.68
N VAL D 304 41.28 13.28 56.62
CA VAL D 304 40.74 11.94 56.26
C VAL D 304 39.25 12.07 56.03
N TYR D 305 38.79 11.70 54.83
CA TYR D 305 37.35 11.65 54.53
C TYR D 305 37.04 10.18 54.34
N ALA D 306 36.14 9.62 55.17
CA ALA D 306 35.92 8.18 55.11
C ALA D 306 34.46 7.81 54.93
N CYS D 307 34.20 6.78 54.14
CA CYS D 307 32.85 6.26 53.91
C CYS D 307 32.76 4.90 54.61
N GLU D 308 31.86 4.76 55.57
CA GLU D 308 31.67 3.49 56.30
C GLU D 308 30.47 2.78 55.71
N VAL D 309 30.65 1.54 55.26
CA VAL D 309 29.57 0.83 54.54
C VAL D 309 29.12 -0.42 55.30
N THR D 310 27.80 -0.58 55.45
CA THR D 310 27.22 -1.78 56.09
C THR D 310 26.37 -2.54 55.08
N HIS D 311 26.66 -3.82 54.84
CA HIS D 311 25.86 -4.69 53.96
C HIS D 311 26.03 -6.12 54.46
N GLN D 312 25.12 -7.03 54.12
CA GLN D 312 25.17 -8.46 54.53
C GLN D 312 26.39 -9.16 53.93
N GLY D 313 26.71 -8.87 52.68
CA GLY D 313 27.84 -9.54 52.01
C GLY D 313 29.12 -8.98 52.50
N LEU D 314 29.04 -7.89 53.24
CA LEU D 314 30.24 -7.22 53.78
C LEU D 314 30.40 -7.68 55.22
N SER D 315 31.59 -8.17 55.54
CA SER D 315 31.83 -8.74 56.90
C SER D 315 32.37 -7.67 57.82
N SER D 316 31.67 -6.54 57.94
CA SER D 316 32.07 -5.49 58.90
C SER D 316 31.34 -4.20 58.60
N PRO D 317 31.63 -3.09 59.31
CA PRO D 317 31.24 -1.78 58.84
C PRO D 317 32.56 -1.57 58.06
N VAL D 318 32.52 -1.50 56.74
CA VAL D 318 33.78 -1.43 55.93
C VAL D 318 34.13 0.02 55.62
N THR D 319 35.42 0.37 55.64
CA THR D 319 35.83 1.78 55.47
C THR D 319 36.58 2.01 54.17
N LYS D 320 36.15 2.99 53.38
CA LYS D 320 36.89 3.42 52.18
C LYS D 320 37.27 4.87 52.49
N SER D 321 38.55 5.19 52.40
CA SER D 321 39.01 6.52 52.84
C SER D 321 40.00 7.13 51.86
N PHE D 322 40.11 8.44 51.86
CA PHE D 322 41.13 9.13 51.05
C PHE D 322 41.67 10.26 51.92
N ASN D 323 42.91 10.68 51.70
CA ASN D 323 43.45 11.83 52.46
C ASN D 323 43.48 13.05 51.54
N ARG D 324 42.99 14.19 52.02
CA ARG D 324 42.94 15.40 51.20
C ARG D 324 44.33 15.89 50.84
N GLY D 325 44.55 16.12 49.55
CA GLY D 325 45.85 16.50 49.04
C GLY D 325 46.68 15.33 48.57
N GLU D 326 46.48 14.15 49.16
CA GLU D 326 47.18 12.94 48.74
C GLU D 326 46.59 12.38 47.43
N THR E 1 -33.65 -5.70 -31.15
CA THR E 1 -34.81 -5.21 -31.95
C THR E 1 -35.56 -4.15 -31.16
N ASN E 2 -35.04 -3.77 -30.00
CA ASN E 2 -35.73 -2.78 -29.14
C ASN E 2 -34.82 -1.58 -28.98
N LEU E 3 -35.38 -0.39 -28.70
CA LEU E 3 -34.53 0.81 -28.43
C LEU E 3 -34.03 0.73 -26.98
N CYS E 4 -32.73 0.88 -26.74
CA CYS E 4 -32.20 0.70 -25.37
C CYS E 4 -32.76 1.77 -24.44
N PRO E 5 -33.26 1.41 -23.24
CA PRO E 5 -33.93 2.38 -22.38
C PRO E 5 -33.05 3.26 -21.49
N PHE E 6 -32.28 4.16 -22.08
CA PHE E 6 -31.50 5.13 -21.27
C PHE E 6 -32.47 6.05 -20.53
N GLY E 7 -33.61 6.34 -21.14
CA GLY E 7 -34.59 7.26 -20.54
C GLY E 7 -35.15 6.80 -19.22
N GLU E 8 -35.20 5.49 -19.01
CA GLU E 8 -35.78 4.93 -17.76
C GLU E 8 -34.81 5.16 -16.61
N VAL E 9 -33.54 5.43 -16.92
CA VAL E 9 -32.52 5.69 -15.87
C VAL E 9 -32.35 7.19 -15.69
N PHE E 10 -32.08 7.92 -16.79
CA PHE E 10 -31.72 9.35 -16.71
C PHE E 10 -32.94 10.16 -16.27
N ASN E 11 -34.11 9.84 -16.85
CA ASN E 11 -35.34 10.64 -16.61
C ASN E 11 -36.20 9.94 -15.54
N ALA E 12 -35.59 9.06 -14.74
CA ALA E 12 -36.30 8.45 -13.59
C ALA E 12 -36.69 9.55 -12.61
N THR E 13 -37.97 9.56 -12.20
CA THR E 13 -38.48 10.59 -11.27
C THR E 13 -37.67 10.53 -9.99
N ARG E 14 -37.36 9.34 -9.51
CA ARG E 14 -36.70 9.23 -8.20
C ARG E 14 -35.31 8.60 -8.34
N PHE E 15 -34.36 9.04 -7.52
CA PHE E 15 -32.96 8.53 -7.61
C PHE E 15 -32.54 7.99 -6.24
N ALA E 16 -31.61 7.05 -6.24
CA ALA E 16 -31.19 6.37 -5.00
C ALA E 16 -30.13 7.15 -4.22
N SER E 17 -29.95 6.78 -2.97
CA SER E 17 -28.85 7.39 -2.18
C SER E 17 -27.55 6.73 -2.65
N VAL E 18 -26.41 7.37 -2.46
CA VAL E 18 -25.13 6.83 -3.01
C VAL E 18 -24.80 5.47 -2.37
N TYR E 19 -25.07 5.30 -1.08
CA TYR E 19 -24.81 4.02 -0.37
C TYR E 19 -25.70 2.93 -0.96
N ALA E 20 -26.92 3.28 -1.37
CA ALA E 20 -27.91 2.32 -1.88
C ALA E 20 -28.06 2.52 -3.37
N TRP E 21 -26.96 2.66 -4.09
CA TRP E 21 -27.00 2.97 -5.53
C TRP E 21 -27.71 1.90 -6.34
N ASN E 22 -28.33 2.29 -7.44
CA ASN E 22 -29.12 1.34 -8.25
C ASN E 22 -28.39 1.01 -9.55
N ARG E 23 -28.50 -0.23 -10.01
CA ARG E 23 -27.89 -0.65 -11.29
C ARG E 23 -28.97 -1.17 -12.24
N LYS E 24 -28.93 -0.78 -13.52
CA LYS E 24 -29.83 -1.37 -14.55
C LYS E 24 -28.95 -2.02 -15.62
N ARG E 25 -29.28 -3.25 -16.03
CA ARG E 25 -28.53 -3.92 -17.11
C ARG E 25 -29.14 -3.49 -18.44
N ILE E 26 -28.31 -2.90 -19.30
CA ILE E 26 -28.78 -2.49 -20.65
C ILE E 26 -28.29 -3.60 -21.59
N SER E 27 -29.21 -4.30 -22.26
CA SER E 27 -28.85 -5.45 -23.11
C SER E 27 -29.95 -5.75 -24.13
N ASN E 28 -29.65 -6.49 -25.20
CA ASN E 28 -30.65 -6.90 -26.24
C ASN E 28 -31.33 -5.69 -26.85
N CYS E 29 -30.58 -4.64 -27.16
CA CYS E 29 -31.25 -3.42 -27.69
C CYS E 29 -30.24 -2.51 -28.40
N VAL E 30 -30.72 -1.43 -29.05
CA VAL E 30 -29.85 -0.51 -29.84
C VAL E 30 -29.57 0.75 -29.00
N ALA E 31 -28.30 1.14 -28.87
CA ALA E 31 -27.99 2.28 -27.97
C ALA E 31 -27.17 3.38 -28.67
N ASP E 32 -27.62 4.64 -28.60
CA ASP E 32 -26.91 5.77 -29.26
C ASP E 32 -26.46 6.77 -28.20
N TYR E 33 -25.20 7.18 -28.22
CA TYR E 33 -24.64 8.04 -27.15
C TYR E 33 -24.41 9.45 -27.67
N SER E 34 -24.43 9.64 -28.99
CA SER E 34 -24.34 11.02 -29.54
C SER E 34 -25.62 11.72 -29.11
N VAL E 35 -26.72 10.99 -29.06
CA VAL E 35 -28.01 11.57 -28.59
C VAL E 35 -27.82 12.02 -27.15
N LEU E 36 -27.24 11.18 -26.30
CA LEU E 36 -27.07 11.53 -24.87
C LEU E 36 -26.10 12.70 -24.70
N TYR E 37 -25.01 12.74 -25.47
CA TYR E 37 -23.97 13.78 -25.28
C TYR E 37 -24.29 14.97 -26.18
N SER E 41 -26.72 19.84 -21.37
CA SER E 41 -27.80 19.49 -20.41
C SER E 41 -27.15 18.79 -19.22
N PHE E 42 -25.87 18.44 -19.36
CA PHE E 42 -25.18 17.67 -18.31
C PHE E 42 -23.94 18.44 -17.91
N SER E 43 -23.72 18.61 -16.61
CA SER E 43 -22.51 19.28 -16.10
C SER E 43 -21.28 18.45 -16.42
N THR E 44 -21.39 17.13 -16.29
CA THR E 44 -20.22 16.23 -16.47
C THR E 44 -20.54 15.13 -17.47
N PHE E 45 -19.63 14.86 -18.40
CA PHE E 45 -19.78 13.73 -19.36
C PHE E 45 -18.36 13.30 -19.74
N LYS E 46 -17.68 12.56 -18.88
CA LYS E 46 -16.33 12.09 -19.12
C LYS E 46 -16.35 10.61 -19.46
N CYS E 47 -15.59 10.25 -20.49
CA CYS E 47 -15.51 8.83 -20.87
C CYS E 47 -14.09 8.36 -20.58
N TYR E 48 -13.96 7.19 -19.97
CA TYR E 48 -12.64 6.66 -19.57
C TYR E 48 -12.46 5.32 -20.25
N GLY E 49 -11.24 5.04 -20.72
CA GLY E 49 -10.97 3.77 -21.40
C GLY E 49 -11.46 3.81 -22.83
N VAL E 50 -12.46 4.65 -23.11
CA VAL E 50 -12.94 4.84 -24.50
C VAL E 50 -12.68 6.29 -24.87
N SER E 51 -12.95 6.66 -26.12
CA SER E 51 -12.79 8.08 -26.53
C SER E 51 -14.17 8.75 -26.50
N PRO E 52 -14.31 9.92 -25.85
CA PRO E 52 -15.59 10.60 -25.77
C PRO E 52 -16.06 10.97 -27.17
N THR E 53 -15.14 11.48 -27.99
CA THR E 53 -15.50 11.94 -29.34
C THR E 53 -15.96 10.73 -30.16
N LYS E 54 -15.29 9.59 -30.02
CA LYS E 54 -15.62 8.41 -30.86
C LYS E 54 -15.76 7.15 -29.98
N PHE E 60 -19.23 -3.86 -27.03
CA PHE E 60 -19.49 -4.08 -25.58
C PHE E 60 -20.62 -5.11 -25.40
N THR E 61 -20.34 -6.20 -24.68
CA THR E 61 -21.34 -7.29 -24.47
C THR E 61 -22.54 -6.83 -23.67
N ASN E 62 -22.28 -6.09 -22.58
CA ASN E 62 -23.37 -5.59 -21.71
C ASN E 62 -23.02 -4.19 -21.23
N VAL E 63 -24.04 -3.37 -20.99
CA VAL E 63 -23.79 -2.01 -20.42
C VAL E 63 -24.52 -1.94 -19.08
N TYR E 64 -23.87 -1.44 -18.04
CA TYR E 64 -24.54 -1.32 -16.72
C TYR E 64 -24.72 0.16 -16.35
N ALA E 65 -25.94 0.53 -15.95
CA ALA E 65 -26.23 1.92 -15.58
C ALA E 65 -26.38 2.06 -14.06
N ASP E 66 -25.41 2.70 -13.42
CA ASP E 66 -25.45 2.89 -11.94
C ASP E 66 -25.91 4.32 -11.68
N SER E 67 -26.98 4.50 -10.90
CA SER E 67 -27.57 5.85 -10.70
C SER E 67 -27.70 6.17 -9.22
N PHE E 68 -27.28 7.37 -8.83
CA PHE E 68 -27.34 7.80 -7.41
C PHE E 68 -27.32 9.32 -7.35
N VAL E 69 -27.54 9.88 -6.17
CA VAL E 69 -27.40 11.36 -5.99
C VAL E 69 -26.25 11.61 -5.02
N ILE E 70 -25.36 12.54 -5.35
CA ILE E 70 -24.23 12.96 -4.46
C ILE E 70 -24.22 14.48 -4.48
N ARG E 71 -23.36 15.10 -3.68
CA ARG E 71 -23.18 16.57 -3.71
C ARG E 71 -22.21 16.95 -4.85
N GLY E 72 -22.27 18.18 -5.36
CA GLY E 72 -21.45 18.62 -6.51
C GLY E 72 -19.98 18.58 -6.24
N ASP E 73 -19.58 18.86 -5.01
CA ASP E 73 -18.16 18.77 -4.60
C ASP E 73 -17.67 17.34 -4.72
N GLU E 74 -18.56 16.34 -4.67
CA GLU E 74 -18.14 14.91 -4.65
C GLU E 74 -18.27 14.20 -6.01
N VAL E 75 -18.59 14.91 -7.08
CA VAL E 75 -18.68 14.31 -8.45
C VAL E 75 -17.29 13.87 -8.88
N ARG E 76 -16.26 14.59 -8.47
CA ARG E 76 -14.87 14.26 -8.84
C ARG E 76 -14.52 12.86 -8.34
N GLN E 77 -15.10 12.44 -7.21
CA GLN E 77 -14.79 11.13 -6.61
C GLN E 77 -15.32 9.99 -7.48
N ILE E 78 -16.28 10.25 -8.37
CA ILE E 78 -16.77 9.20 -9.31
C ILE E 78 -15.81 9.15 -10.50
N ALA E 79 -14.62 8.64 -10.25
CA ALA E 79 -13.58 8.55 -11.28
C ALA E 79 -12.60 7.47 -10.86
N PRO E 80 -11.82 6.89 -11.77
CA PRO E 80 -10.79 5.93 -11.37
C PRO E 80 -9.69 6.60 -10.55
N GLY E 81 -9.19 5.89 -9.54
CA GLY E 81 -8.08 6.40 -8.71
C GLY E 81 -8.43 7.51 -7.76
N GLN E 82 -9.68 7.59 -7.33
CA GLN E 82 -10.10 8.73 -6.48
C GLN E 82 -10.36 8.27 -5.06
N THR E 83 -9.95 9.09 -4.09
CA THR E 83 -10.12 8.75 -2.66
C THR E 83 -11.01 9.79 -2.00
N GLY E 84 -11.98 9.34 -1.21
CA GLY E 84 -12.91 10.24 -0.51
C GLY E 84 -14.01 9.41 0.09
N ASN E 85 -14.86 9.98 0.92
CA ASN E 85 -15.88 9.17 1.63
C ASN E 85 -16.77 8.46 0.61
N ILE E 86 -17.14 9.15 -0.46
CA ILE E 86 -18.01 8.54 -1.51
C ILE E 86 -17.30 7.38 -2.22
N ALA E 87 -16.05 7.56 -2.65
CA ALA E 87 -15.28 6.47 -3.30
C ALA E 87 -14.90 5.40 -2.31
N ASP E 88 -14.45 5.84 -1.14
CA ASP E 88 -14.01 4.89 -0.09
C ASP E 88 -15.16 4.06 0.47
N TYR E 89 -16.31 4.68 0.76
CA TYR E 89 -17.37 3.94 1.49
C TYR E 89 -18.72 3.88 0.77
N ASN E 90 -18.85 4.44 -0.42
CA ASN E 90 -20.21 4.48 -1.04
C ASN E 90 -20.23 3.84 -2.44
N TYR E 91 -19.56 4.44 -3.42
CA TYR E 91 -19.49 3.89 -4.80
C TYR E 91 -18.06 3.96 -5.30
N LYS E 92 -17.52 2.83 -5.75
CA LYS E 92 -16.10 2.79 -6.17
C LYS E 92 -15.99 2.43 -7.64
N LEU E 93 -15.13 3.15 -8.36
CA LEU E 93 -14.89 2.81 -9.77
C LEU E 93 -13.53 2.15 -9.87
N PRO E 94 -13.39 1.08 -10.67
CA PRO E 94 -12.10 0.42 -10.83
C PRO E 94 -11.06 1.32 -11.51
N ASP E 95 -9.80 1.17 -11.12
CA ASP E 95 -8.71 1.97 -11.72
C ASP E 95 -8.57 1.59 -13.19
N ASP E 96 -9.05 0.40 -13.56
CA ASP E 96 -9.02 -0.12 -14.95
C ASP E 96 -10.37 0.14 -15.60
N PHE E 97 -11.12 1.11 -15.10
CA PHE E 97 -12.49 1.36 -15.57
C PHE E 97 -12.59 1.72 -17.04
N THR E 98 -13.58 1.14 -17.73
CA THR E 98 -13.87 1.51 -19.13
C THR E 98 -15.35 1.90 -19.11
N GLY E 99 -15.67 3.16 -19.37
CA GLY E 99 -17.07 3.59 -19.26
C GLY E 99 -17.24 5.09 -19.25
N CYS E 100 -18.46 5.55 -19.00
CA CYS E 100 -18.75 6.99 -19.04
C CYS E 100 -19.46 7.42 -17.76
N VAL E 101 -19.03 8.54 -17.16
CA VAL E 101 -19.69 9.10 -15.94
C VAL E 101 -20.40 10.39 -16.32
N ILE E 102 -21.71 10.46 -16.09
CA ILE E 102 -22.52 11.66 -16.44
C ILE E 102 -23.22 12.17 -15.17
N ALA E 103 -23.23 13.48 -14.94
CA ALA E 103 -23.91 14.07 -13.78
C ALA E 103 -24.63 15.36 -14.15
N TRP E 104 -25.67 15.73 -13.39
CA TRP E 104 -26.41 17.00 -13.61
C TRP E 104 -26.94 17.54 -12.29
N ASN E 105 -27.17 18.85 -12.19
CA ASN E 105 -27.72 19.49 -10.98
C ASN E 105 -29.18 19.10 -10.82
N SER E 106 -29.58 18.69 -9.61
CA SER E 106 -30.97 18.31 -9.33
C SER E 106 -31.54 19.16 -8.21
N ASN E 107 -31.07 20.39 -8.04
CA ASN E 107 -31.53 21.21 -6.89
C ASN E 107 -33.04 21.44 -7.01
N ASN E 108 -33.56 21.58 -8.22
CA ASN E 108 -35.00 21.83 -8.44
C ASN E 108 -35.81 20.67 -7.89
N LEU E 109 -35.33 19.44 -8.04
CA LEU E 109 -36.10 18.24 -7.65
C LEU E 109 -35.65 17.66 -6.31
N ASP E 110 -34.34 17.63 -6.05
CA ASP E 110 -33.82 16.90 -4.85
C ASP E 110 -33.55 17.79 -3.64
N SER E 111 -33.86 19.08 -3.70
CA SER E 111 -33.71 19.97 -2.51
C SER E 111 -35.08 20.38 -1.98
N LYS E 112 -35.18 20.61 -0.67
CA LYS E 112 -36.46 20.99 -0.03
C LYS E 112 -36.17 22.07 1.02
N VAL E 113 -37.13 22.95 1.28
CA VAL E 113 -36.95 24.01 2.32
C VAL E 113 -37.01 23.32 3.68
N GLY E 114 -36.00 23.54 4.52
CA GLY E 114 -35.89 22.82 5.80
C GLY E 114 -35.00 21.62 5.61
N GLY E 115 -34.76 21.25 4.35
CA GLY E 115 -33.87 20.14 4.01
C GLY E 115 -34.54 18.89 3.51
N ASN E 116 -33.86 18.16 2.63
CA ASN E 116 -34.34 16.83 2.20
C ASN E 116 -33.39 15.87 2.88
N TYR E 117 -33.88 15.10 3.84
CA TYR E 117 -32.98 14.23 4.61
C TYR E 117 -33.08 12.80 4.08
N ASN E 118 -33.82 12.61 2.99
CA ASN E 118 -34.01 11.27 2.41
C ASN E 118 -32.78 10.81 1.63
N TYR E 119 -31.89 11.72 1.24
CA TYR E 119 -30.63 11.33 0.57
C TYR E 119 -29.55 11.18 1.62
N LEU E 120 -28.88 10.04 1.67
CA LEU E 120 -27.89 9.73 2.73
C LEU E 120 -26.60 9.16 2.15
N TYR E 121 -25.52 9.19 2.93
CA TYR E 121 -24.20 8.65 2.51
C TYR E 121 -23.55 7.93 3.69
N ARG E 122 -22.58 7.05 3.41
CA ARG E 122 -21.81 6.39 4.49
C ARG E 122 -20.55 7.20 4.80
N LEU E 123 -20.39 7.59 6.06
CA LEU E 123 -19.22 8.36 6.52
C LEU E 123 -18.25 7.41 7.20
N PHE E 124 -18.74 6.26 7.65
CA PHE E 124 -17.90 5.33 8.43
C PHE E 124 -17.97 3.89 7.92
N ARG E 125 -16.83 3.27 7.64
CA ARG E 125 -16.78 1.82 7.28
C ARG E 125 -15.40 1.34 7.70
N LYS E 126 -15.27 0.06 8.08
CA LYS E 126 -13.96 -0.53 8.47
C LYS E 126 -13.02 -0.64 7.28
N SER E 127 -13.56 -1.02 6.12
CA SER E 127 -12.70 -1.22 4.94
C SER E 127 -13.22 -0.40 3.77
N ASN E 128 -12.32 -0.04 2.86
CA ASN E 128 -12.71 0.68 1.63
C ASN E 128 -13.48 -0.31 0.77
N LEU E 129 -14.52 0.17 0.10
CA LEU E 129 -15.35 -0.72 -0.74
C LEU E 129 -14.52 -1.25 -1.90
N LYS E 130 -14.75 -2.49 -2.29
CA LYS E 130 -14.06 -3.09 -3.44
C LYS E 130 -14.72 -2.50 -4.68
N PRO E 131 -14.08 -2.47 -5.85
CA PRO E 131 -14.75 -1.88 -6.99
C PRO E 131 -16.13 -2.49 -7.28
N PHE E 132 -17.15 -1.66 -7.49
CA PHE E 132 -18.54 -2.09 -7.76
C PHE E 132 -19.19 -2.83 -6.60
N GLU E 133 -18.89 -2.45 -5.35
CA GLU E 133 -19.50 -3.09 -4.15
C GLU E 133 -20.56 -2.16 -3.54
N ARG E 134 -21.61 -2.73 -2.96
CA ARG E 134 -22.70 -1.96 -2.33
C ARG E 134 -22.89 -2.39 -0.88
N ASP E 135 -22.87 -1.44 0.06
CA ASP E 135 -23.14 -1.75 1.49
C ASP E 135 -24.41 -1.00 1.92
N ILE E 136 -25.49 -1.72 2.20
CA ILE E 136 -26.77 -1.12 2.66
C ILE E 136 -26.91 -1.37 4.16
N SER E 137 -25.83 -1.74 4.83
CA SER E 137 -25.82 -1.98 6.30
C SER E 137 -26.10 -0.70 7.09
N THR E 138 -26.94 -0.78 8.12
CA THR E 138 -27.28 0.38 8.99
C THR E 138 -26.83 0.04 10.40
N GLU E 139 -25.81 -0.80 10.53
CA GLU E 139 -25.30 -1.22 11.86
C GLU E 139 -24.43 -0.15 12.49
N ILE E 140 -24.46 -0.03 13.82
CA ILE E 140 -23.65 0.99 14.56
C ILE E 140 -22.16 0.70 14.33
N TYR E 141 -21.38 1.76 14.10
CA TYR E 141 -19.94 1.60 13.79
C TYR E 141 -19.10 1.74 15.06
N GLN E 142 -18.19 0.79 15.28
CA GLN E 142 -17.32 0.79 16.47
C GLN E 142 -16.02 1.48 16.09
N ALA E 143 -15.76 2.64 16.67
CA ALA E 143 -14.56 3.44 16.34
C ALA E 143 -13.47 3.12 17.36
N GLY E 144 -13.76 2.22 18.29
CA GLY E 144 -12.82 1.94 19.38
C GLY E 144 -12.92 0.52 19.85
N SER E 145 -12.09 0.16 20.82
CA SER E 145 -12.05 -1.23 21.33
C SER E 145 -13.30 -1.61 22.12
N THR E 146 -13.98 -0.64 22.73
CA THR E 146 -15.21 -0.90 23.53
C THR E 146 -16.38 -1.29 22.64
N PRO E 147 -17.10 -2.39 22.96
CA PRO E 147 -18.21 -2.87 22.13
C PRO E 147 -19.51 -2.03 22.13
N CYS E 148 -20.21 -1.98 21.00
CA CYS E 148 -21.39 -1.08 20.86
C CYS E 148 -22.74 -1.75 21.14
N ASN E 149 -22.94 -3.00 20.77
CA ASN E 149 -24.20 -3.76 21.02
C ASN E 149 -25.44 -3.08 20.42
N GLY E 150 -25.32 -2.47 19.24
CA GLY E 150 -26.49 -1.89 18.57
C GLY E 150 -26.95 -0.62 19.21
N VAL E 151 -26.15 -0.08 20.11
CA VAL E 151 -26.53 1.13 20.87
C VAL E 151 -25.46 2.20 20.63
N LYS E 152 -25.87 3.45 20.41
CA LYS E 152 -24.90 4.55 20.22
C LYS E 152 -24.29 4.97 21.56
N GLY E 153 -23.11 5.57 21.51
CA GLY E 153 -22.37 5.96 22.72
C GLY E 153 -20.99 6.37 22.28
N PHE E 154 -20.06 6.52 23.20
CA PHE E 154 -18.67 6.81 22.79
C PHE E 154 -18.13 5.59 22.07
N ASN E 155 -17.48 5.78 20.92
CA ASN E 155 -16.93 4.68 20.08
C ASN E 155 -18.07 4.13 19.25
N CYS E 156 -19.28 4.63 19.47
CA CYS E 156 -20.45 4.01 18.82
C CYS E 156 -21.28 5.04 18.07
N TYR E 157 -21.32 4.91 16.74
CA TYR E 157 -21.97 5.94 15.89
C TYR E 157 -22.72 5.29 14.74
N PHE E 158 -23.88 5.86 14.38
CA PHE E 158 -24.64 5.38 13.20
C PHE E 158 -23.75 5.66 12.00
N PRO E 159 -23.66 4.73 11.03
CA PRO E 159 -22.71 4.90 9.95
C PRO E 159 -23.11 5.85 8.82
N LEU E 160 -24.35 6.30 8.82
CA LEU E 160 -24.88 7.07 7.69
C LEU E 160 -25.18 8.51 8.11
N GLN E 161 -24.95 9.46 7.22
CA GLN E 161 -25.26 10.88 7.50
C GLN E 161 -26.17 11.40 6.40
N SER E 162 -26.88 12.49 6.67
CA SER E 162 -27.84 13.06 5.70
C SER E 162 -27.25 14.27 4.98
N TYR E 163 -27.50 14.37 3.68
CA TYR E 163 -27.05 15.54 2.88
C TYR E 163 -27.82 16.80 3.30
N GLY E 164 -29.10 16.67 3.66
CA GLY E 164 -29.92 17.80 4.10
C GLY E 164 -30.04 18.86 3.05
N PHE E 165 -30.24 18.45 1.81
CA PHE E 165 -30.24 19.40 0.69
C PHE E 165 -31.25 20.52 0.92
N GLN E 166 -30.78 21.76 0.83
CA GLN E 166 -31.63 22.94 1.03
C GLN E 166 -31.51 23.79 -0.22
N PRO E 167 -32.56 24.50 -0.65
CA PRO E 167 -32.54 25.21 -1.93
C PRO E 167 -31.55 26.35 -2.11
N THR E 168 -31.29 27.13 -1.06
CA THR E 168 -30.43 28.33 -1.15
C THR E 168 -28.97 27.97 -0.82
N TYR E 169 -28.63 26.69 -0.87
CA TYR E 169 -27.22 26.24 -0.64
C TYR E 169 -26.35 26.58 -1.84
N GLY E 170 -25.05 26.62 -1.64
CA GLY E 170 -24.10 26.83 -2.75
C GLY E 170 -24.06 25.62 -3.65
N VAL E 171 -23.63 25.77 -4.89
CA VAL E 171 -23.69 24.66 -5.89
C VAL E 171 -22.91 23.43 -5.43
N GLY E 172 -21.80 23.60 -4.72
CA GLY E 172 -20.97 22.47 -4.27
C GLY E 172 -21.70 21.55 -3.33
N TYR E 173 -22.55 22.09 -2.47
CA TYR E 173 -23.30 21.29 -1.48
C TYR E 173 -24.68 20.93 -2.03
N GLN E 174 -24.98 21.32 -3.26
CA GLN E 174 -26.29 21.06 -3.91
C GLN E 174 -26.37 19.65 -4.47
N PRO E 175 -27.58 19.10 -4.68
CA PRO E 175 -27.75 17.77 -5.24
C PRO E 175 -27.36 17.54 -6.70
N TYR E 176 -26.69 16.43 -6.99
CA TYR E 176 -26.32 16.08 -8.39
C TYR E 176 -26.73 14.65 -8.69
N ARG E 177 -27.40 14.45 -9.80
CA ARG E 177 -27.83 13.09 -10.20
C ARG E 177 -26.74 12.51 -11.09
N VAL E 178 -26.16 11.39 -10.69
CA VAL E 178 -25.01 10.82 -11.41
C VAL E 178 -25.37 9.47 -12.00
N VAL E 179 -25.09 9.27 -13.29
CA VAL E 179 -25.27 7.95 -13.92
C VAL E 179 -23.90 7.51 -14.42
N VAL E 180 -23.41 6.37 -13.93
CA VAL E 180 -22.13 5.81 -14.43
C VAL E 180 -22.49 4.66 -15.35
N LEU E 181 -22.05 4.72 -16.60
CA LEU E 181 -22.30 3.63 -17.57
C LEU E 181 -21.04 2.79 -17.61
N SER E 182 -21.15 1.51 -17.30
CA SER E 182 -19.97 0.61 -17.22
C SER E 182 -20.04 -0.34 -18.41
N PHE E 183 -18.95 -0.43 -19.16
CA PHE E 183 -18.95 -1.23 -20.40
C PHE E 183 -18.30 -2.59 -20.15
N GLU E 184 -18.97 -3.67 -20.57
CA GLU E 184 -18.48 -5.04 -20.29
C GLU E 184 -18.69 -5.90 -21.53
N ALA E 188 -17.11 -13.68 -24.94
CA ALA E 188 -18.58 -13.91 -25.01
C ALA E 188 -19.17 -13.26 -26.26
N PRO E 189 -20.51 -13.30 -26.46
CA PRO E 189 -21.15 -12.65 -27.61
C PRO E 189 -21.35 -11.14 -27.44
N ALA E 190 -22.49 -10.60 -27.91
CA ALA E 190 -22.80 -9.16 -27.73
C ALA E 190 -24.31 -8.90 -27.91
N THR E 191 -24.93 -8.08 -27.05
CA THR E 191 -26.40 -7.86 -27.12
C THR E 191 -26.74 -6.38 -26.98
N VAL E 192 -25.72 -5.51 -26.93
CA VAL E 192 -25.94 -4.03 -26.87
C VAL E 192 -25.16 -3.44 -28.02
N CYS E 193 -25.83 -3.14 -29.12
CA CYS E 193 -25.06 -2.70 -30.32
C CYS E 193 -25.30 -1.26 -30.70
N GLY E 194 -24.22 -0.48 -30.87
CA GLY E 194 -24.33 0.85 -31.43
C GLY E 194 -24.79 0.81 -32.88
N PRO E 195 -25.99 1.36 -33.16
CA PRO E 195 -26.59 1.30 -34.50
C PRO E 195 -25.81 2.09 -35.55
N GLN F 1 5.31 3.48 11.21
CA GLN F 1 5.94 4.76 11.63
C GLN F 1 4.85 5.59 12.31
N VAL F 2 3.94 4.91 13.00
CA VAL F 2 2.90 5.66 13.77
C VAL F 2 3.61 6.25 14.98
N GLN F 3 3.61 7.57 15.09
CA GLN F 3 4.35 8.23 16.18
C GLN F 3 3.41 9.19 16.92
N LEU F 4 3.41 9.10 18.24
CA LEU F 4 2.64 10.07 19.06
C LEU F 4 3.70 10.84 19.82
N GLN F 5 3.82 12.15 19.59
CA GLN F 5 4.90 12.94 20.21
C GLN F 5 4.33 13.94 21.23
N GLN F 6 4.86 13.93 22.44
CA GLN F 6 4.39 14.83 23.51
C GLN F 6 5.56 15.69 23.98
N PRO F 7 5.33 16.93 24.46
CA PRO F 7 6.40 17.72 25.04
C PRO F 7 6.95 17.04 26.30
N GLY F 8 8.27 16.92 26.44
CA GLY F 8 8.86 16.19 27.58
C GLY F 8 8.57 16.77 28.94
N THR F 9 8.66 18.09 29.09
CA THR F 9 8.49 18.69 30.44
C THR F 9 7.69 19.99 30.39
N GLU F 10 6.88 20.24 31.42
CA GLU F 10 6.18 21.54 31.55
C GLU F 10 6.40 22.05 32.98
N LEU F 11 6.82 23.31 33.15
CA LEU F 11 6.93 23.89 34.52
C LEU F 11 5.77 24.86 34.66
N VAL F 12 4.86 24.60 35.59
CA VAL F 12 3.64 25.44 35.72
C VAL F 12 3.58 26.09 37.09
N ASN F 13 3.36 27.40 37.10
CA ASN F 13 3.22 28.15 38.37
C ASN F 13 1.94 27.65 39.01
N PRO F 14 1.91 27.46 40.34
CA PRO F 14 0.75 26.89 40.97
C PRO F 14 -0.48 27.78 40.81
N GLY F 15 -1.65 27.17 40.64
CA GLY F 15 -2.89 27.94 40.45
C GLY F 15 -3.12 28.28 39.01
N ALA F 16 -2.24 27.82 38.13
CA ALA F 16 -2.35 28.16 36.70
C ALA F 16 -2.88 27.01 35.90
N SER F 17 -2.96 27.19 34.58
CA SER F 17 -3.53 26.17 33.67
C SER F 17 -2.45 25.74 32.70
N LEU F 18 -2.49 24.49 32.25
CA LEU F 18 -1.54 24.04 31.20
C LEU F 18 -2.28 23.29 30.11
N LYS F 19 -1.89 23.51 28.85
CA LYS F 19 -2.44 22.76 27.72
C LYS F 19 -1.26 21.98 27.15
N MET F 20 -1.37 20.65 27.08
CA MET F 20 -0.23 19.83 26.62
C MET F 20 -0.60 19.12 25.32
N SER F 21 0.34 19.00 24.40
CA SER F 21 0.06 18.47 23.05
C SER F 21 0.42 17.00 22.85
N CYS F 22 -0.23 16.36 21.88
CA CYS F 22 0.09 14.97 21.46
C CYS F 22 0.10 15.03 19.93
N LYS F 23 1.20 15.45 19.32
CA LYS F 23 1.32 15.46 17.84
C LYS F 23 1.33 14.02 17.32
N THR F 24 0.59 13.75 16.25
CA THR F 24 0.45 12.38 15.73
C THR F 24 0.99 12.28 14.31
N SER F 25 1.45 11.09 13.93
CA SER F 25 2.03 10.86 12.58
C SER F 25 1.79 9.42 12.14
N GLY F 26 1.79 9.13 10.84
CA GLY F 26 1.74 7.76 10.31
C GLY F 26 0.39 7.13 10.20
N TYR F 27 -0.68 7.89 10.42
CA TYR F 27 -2.04 7.32 10.43
C TYR F 27 -3.04 8.44 10.19
N ARG F 28 -4.28 8.11 9.87
CA ARG F 28 -5.33 9.13 9.69
C ARG F 28 -5.79 9.52 11.09
N PHE F 29 -5.63 10.78 11.46
CA PHE F 29 -5.92 11.20 12.85
C PHE F 29 -7.39 10.99 13.20
N THR F 30 -8.28 11.32 12.28
CA THR F 30 -9.74 11.29 12.53
C THR F 30 -10.18 9.85 12.80
N SER F 31 -9.51 8.88 12.19
CA SER F 31 -9.89 7.45 12.30
C SER F 31 -9.71 6.84 13.69
N TYR F 32 -8.70 7.25 14.44
CA TYR F 32 -8.40 6.58 15.73
C TYR F 32 -8.61 7.51 16.94
N ILE F 33 -9.22 6.98 18.01
CA ILE F 33 -9.45 7.76 19.25
C ILE F 33 -8.18 7.87 20.10
N ILE F 34 -8.00 8.98 20.80
CA ILE F 34 -6.76 9.25 21.59
C ILE F 34 -7.08 9.25 23.08
N HIS F 35 -6.36 8.43 23.86
CA HIS F 35 -6.57 8.32 25.32
C HIS F 35 -5.51 9.09 26.09
N TRP F 36 -5.87 9.60 27.25
CA TRP F 36 -4.92 10.32 28.11
C TRP F 36 -4.80 9.60 29.45
N VAL F 37 -3.58 9.31 29.90
CA VAL F 37 -3.35 8.54 31.15
C VAL F 37 -2.38 9.29 32.07
N LYS F 38 -2.57 9.24 33.38
CA LYS F 38 -1.70 9.93 34.35
C LYS F 38 -0.98 8.94 35.24
N GLN F 39 0.32 9.12 35.45
CA GLN F 39 1.05 8.29 36.43
C GLN F 39 1.81 9.18 37.39
N THR F 40 1.43 9.21 38.67
CA THR F 40 2.22 9.95 39.70
C THR F 40 3.44 9.08 39.99
N PRO F 41 4.65 9.64 40.15
CA PRO F 41 5.85 8.81 40.29
C PRO F 41 5.79 7.84 41.47
N GLY F 42 6.16 6.59 41.23
CA GLY F 42 6.09 5.54 42.27
C GLY F 42 4.69 5.02 42.38
N GLN F 43 3.82 5.41 41.46
CA GLN F 43 2.40 5.04 41.56
C GLN F 43 1.91 4.47 40.22
N GLY F 44 0.70 3.95 40.18
CA GLY F 44 0.16 3.28 38.98
C GLY F 44 -0.46 4.16 37.92
N LEU F 45 -1.06 3.53 36.90
CA LEU F 45 -1.63 4.26 35.75
C LEU F 45 -3.12 4.62 35.98
N GLU F 46 -3.49 5.88 35.74
CA GLU F 46 -4.89 6.34 35.90
C GLU F 46 -5.43 6.90 34.59
N TRP F 47 -6.59 6.42 34.15
CA TRP F 47 -7.24 6.89 32.90
C TRP F 47 -7.93 8.22 33.16
N ILE F 48 -7.58 9.23 32.38
CA ILE F 48 -8.20 10.56 32.52
C ILE F 48 -9.37 10.62 31.55
N GLY F 49 -9.13 10.26 30.30
CA GLY F 49 -10.20 10.39 29.32
C GLY F 49 -9.83 9.99 27.91
N ALA F 50 -10.78 10.11 26.99
CA ALA F 50 -10.56 9.79 25.57
C ALA F 50 -11.29 10.80 24.66
N ILE F 51 -10.72 11.11 23.50
CA ILE F 51 -11.38 12.02 22.50
C ILE F 51 -11.39 11.37 21.12
N PHE F 52 -12.50 11.51 20.39
CA PHE F 52 -12.58 11.01 18.99
C PHE F 52 -12.31 12.23 18.11
N PRO F 53 -11.24 12.22 17.30
CA PRO F 53 -10.88 13.38 16.51
C PRO F 53 -11.91 13.81 15.44
N GLU F 54 -12.74 12.89 14.96
CA GLU F 54 -13.80 13.21 13.97
C GLU F 54 -14.90 14.12 14.52
N ASN F 55 -15.44 13.86 15.72
CA ASN F 55 -16.58 14.67 16.23
C ASN F 55 -16.20 15.40 17.52
N ASP F 56 -15.06 15.06 18.11
CA ASP F 56 -14.61 15.66 19.38
C ASP F 56 -15.46 15.14 20.54
N ASP F 57 -16.08 13.98 20.37
CA ASP F 57 -16.83 13.34 21.48
C ASP F 57 -15.81 13.00 22.55
N THR F 58 -16.18 13.11 23.81
CA THR F 58 -15.23 12.89 24.93
C THR F 58 -15.82 11.95 25.96
N SER F 59 -15.00 11.10 26.57
CA SER F 59 -15.43 10.24 27.70
C SER F 59 -14.40 10.46 28.80
N TYR F 60 -14.82 10.61 30.05
CA TYR F 60 -13.87 10.95 31.12
C TYR F 60 -14.07 10.13 32.37
N SER F 61 -13.04 10.04 33.20
CA SER F 61 -13.16 9.43 34.54
C SER F 61 -13.85 10.48 35.41
N GLN F 62 -14.47 10.07 36.51
CA GLN F 62 -15.19 11.03 37.38
C GLN F 62 -14.22 12.06 37.94
N LYS F 63 -13.02 11.64 38.32
CA LYS F 63 -12.04 12.56 38.94
C LYS F 63 -11.67 13.68 37.99
N PHE F 64 -11.57 13.40 36.70
CA PHE F 64 -11.04 14.40 35.74
C PHE F 64 -12.14 15.23 35.06
N LYS F 65 -13.41 14.99 35.38
CA LYS F 65 -14.45 15.87 34.81
C LYS F 65 -14.34 17.22 35.50
N GLY F 66 -14.17 18.27 34.73
CA GLY F 66 -14.01 19.62 35.31
C GLY F 66 -12.57 19.94 35.65
N LYS F 67 -11.67 18.97 35.54
CA LYS F 67 -10.23 19.23 35.76
C LYS F 67 -9.52 19.14 34.42
N ALA F 68 -9.98 18.23 33.56
CA ALA F 68 -9.33 18.01 32.25
C ALA F 68 -10.29 18.27 31.09
N THR F 69 -9.87 19.06 30.10
CA THR F 69 -10.68 19.29 28.88
C THR F 69 -9.88 18.79 27.68
N LEU F 70 -10.44 17.89 26.88
CA LEU F 70 -9.72 17.29 25.74
C LEU F 70 -10.16 17.97 24.47
N THR F 71 -9.20 18.37 23.63
CA THR F 71 -9.48 19.14 22.40
C THR F 71 -8.65 18.56 21.25
N THR F 72 -8.98 18.88 20.00
CA THR F 72 -8.27 18.33 18.83
C THR F 72 -8.07 19.39 17.75
N ASP F 73 -6.95 19.35 17.01
CA ASP F 73 -6.78 20.22 15.82
C ASP F 73 -6.56 19.27 14.64
N THR F 74 -7.48 19.24 13.68
CA THR F 74 -7.42 18.28 12.55
C THR F 74 -6.25 18.58 11.62
N SER F 75 -5.97 19.85 11.37
CA SER F 75 -4.89 20.25 10.44
C SER F 75 -3.53 19.86 10.96
N SER F 76 -3.30 20.05 12.25
CA SER F 76 -1.96 19.77 12.84
C SER F 76 -1.89 18.30 13.23
N SER F 77 -3.00 17.57 13.17
CA SER F 77 -3.05 16.16 13.63
C SER F 77 -2.62 16.12 15.09
N THR F 78 -3.05 17.09 15.89
CA THR F 78 -2.58 17.20 17.29
C THR F 78 -3.75 17.12 18.28
N ALA F 79 -3.54 16.38 19.37
CA ALA F 79 -4.55 16.28 20.44
C ALA F 79 -4.06 17.08 21.63
N TYR F 80 -4.96 17.74 22.33
CA TYR F 80 -4.56 18.60 23.45
C TYR F 80 -5.30 18.24 24.73
N MET F 81 -4.64 18.35 25.88
CA MET F 81 -5.32 18.18 27.18
C MET F 81 -5.01 19.43 27.99
N GLN F 82 -6.05 20.06 28.54
CA GLN F 82 -5.85 21.25 29.40
C GLN F 82 -6.26 20.90 30.83
N LEU F 83 -5.44 21.30 31.79
CA LEU F 83 -5.72 21.05 33.22
C LEU F 83 -5.91 22.42 33.87
N SER F 84 -6.75 22.50 34.91
CA SER F 84 -7.10 23.82 35.48
C SER F 84 -6.66 23.93 36.93
N SER F 85 -6.30 25.15 37.37
CA SER F 85 -5.98 25.40 38.79
C SER F 85 -5.00 24.36 39.30
N LEU F 86 -3.82 24.30 38.70
CA LEU F 86 -2.86 23.23 39.03
C LEU F 86 -2.38 23.26 40.47
N THR F 87 -2.30 22.08 41.08
CA THR F 87 -1.90 21.93 42.48
C THR F 87 -0.81 20.86 42.52
N SER F 88 -0.33 20.51 43.70
CA SER F 88 0.76 19.53 43.86
C SER F 88 0.35 18.17 43.29
N GLU F 89 -0.93 17.81 43.43
CA GLU F 89 -1.47 16.52 42.92
C GLU F 89 -1.32 16.47 41.40
N ASP F 90 -1.35 17.63 40.76
CA ASP F 90 -1.31 17.71 39.28
C ASP F 90 0.12 17.48 38.78
N SER F 91 1.08 17.39 39.69
CA SER F 91 2.49 17.11 39.30
C SER F 91 2.64 15.62 39.04
N ALA F 92 2.78 15.24 37.78
CA ALA F 92 2.85 13.82 37.42
C ALA F 92 3.31 13.70 35.98
N VAL F 93 3.40 12.47 35.48
CA VAL F 93 3.70 12.25 34.03
C VAL F 93 2.37 11.96 33.37
N TYR F 94 2.06 12.68 32.29
CA TYR F 94 0.79 12.51 31.57
C TYR F 94 1.10 11.85 30.23
N TYR F 95 0.41 10.75 29.94
CA TYR F 95 0.70 9.96 28.72
C TYR F 95 -0.44 10.07 27.71
N CYS F 96 -0.11 10.20 26.43
CA CYS F 96 -1.12 10.15 25.35
C CYS F 96 -0.97 8.79 24.67
N ALA F 97 -2.09 8.12 24.41
CA ALA F 97 -2.09 6.78 23.82
C ALA F 97 -3.15 6.67 22.72
N ARG F 98 -2.95 5.77 21.77
CA ARG F 98 -3.88 5.64 20.62
C ARG F 98 -4.60 4.30 20.66
N ASP F 99 -5.93 4.31 20.60
CA ASP F 99 -6.70 3.04 20.53
C ASP F 99 -6.58 2.51 19.11
N GLY F 100 -6.56 1.20 18.97
CA GLY F 100 -6.46 0.55 17.66
C GLY F 100 -7.04 -0.83 17.80
N GLU F 101 -6.84 -1.69 16.82
CA GLU F 101 -7.35 -3.08 16.86
C GLU F 101 -6.72 -3.79 18.06
N ASN F 102 -5.51 -3.39 18.46
CA ASN F 102 -4.76 -4.03 19.57
C ASN F 102 -4.96 -3.26 20.87
N VAL F 103 -5.91 -2.34 20.93
CA VAL F 103 -6.08 -1.43 22.12
C VAL F 103 -4.94 -0.42 22.13
N LEU F 104 -4.37 -0.09 23.29
CA LEU F 104 -3.35 1.00 23.37
C LEU F 104 -1.96 0.49 23.05
N ASP F 105 -1.72 0.08 21.80
CA ASP F 105 -0.37 -0.33 21.34
C ASP F 105 0.54 0.91 21.28
N TYR F 106 0.00 2.03 20.83
CA TYR F 106 0.87 3.22 20.62
C TYR F 106 0.74 4.25 21.72
N TRP F 107 1.85 4.48 22.41
CA TRP F 107 1.87 5.42 23.55
C TRP F 107 2.93 6.46 23.26
N GLY F 108 2.82 7.62 23.90
CA GLY F 108 3.85 8.65 23.79
C GLY F 108 4.93 8.43 24.83
N GLN F 109 6.04 9.15 24.71
CA GLN F 109 7.15 9.06 25.69
C GLN F 109 6.67 9.59 27.05
N GLY F 110 5.76 10.55 27.05
CA GLY F 110 5.28 11.14 28.31
C GLY F 110 5.58 12.61 28.43
N THR F 111 4.77 13.34 29.20
CA THR F 111 5.04 14.75 29.51
C THR F 111 5.07 14.85 31.03
N SER F 112 6.19 15.30 31.60
CA SER F 112 6.31 15.43 33.06
C SER F 112 5.96 16.85 33.48
N VAL F 113 4.95 16.99 34.33
CA VAL F 113 4.51 18.34 34.75
C VAL F 113 4.98 18.59 36.18
N THR F 114 5.73 19.67 36.39
CA THR F 114 6.15 20.07 37.75
C THR F 114 5.38 21.34 38.09
N VAL F 115 4.56 21.30 39.13
CA VAL F 115 3.82 22.51 39.58
C VAL F 115 4.69 23.25 40.60
N SER F 116 5.45 24.23 40.14
CA SER F 116 6.35 24.99 41.04
C SER F 116 6.46 26.43 40.54
N SER F 117 6.60 27.38 41.46
CA SER F 117 6.77 28.81 41.11
C SER F 117 8.26 29.04 40.88
N ALA F 118 9.05 27.97 40.97
CA ALA F 118 10.51 28.11 40.85
C ALA F 118 10.95 28.35 39.41
N SER F 119 12.22 28.69 39.23
CA SER F 119 12.74 29.06 37.89
C SER F 119 13.63 27.93 37.37
N THR F 120 13.70 27.79 36.05
CA THR F 120 14.58 26.78 35.45
C THR F 120 16.04 27.12 35.76
N LYS F 121 16.79 26.12 36.23
CA LYS F 121 18.24 26.32 36.47
C LYS F 121 18.99 25.19 35.76
N GLY F 122 20.05 25.53 35.05
CA GLY F 122 20.86 24.53 34.36
C GLY F 122 21.82 23.82 35.28
N PRO F 123 22.18 22.57 34.97
CA PRO F 123 23.14 21.83 35.76
C PRO F 123 24.62 22.20 35.65
N SER F 124 25.35 22.12 36.77
CA SER F 124 26.82 22.32 36.73
C SER F 124 27.42 20.93 36.76
N VAL F 125 28.23 20.57 35.75
CA VAL F 125 28.70 19.17 35.65
C VAL F 125 30.17 19.08 36.06
N PHE F 126 30.47 18.20 37.01
CA PHE F 126 31.84 18.07 37.55
C PHE F 126 32.23 16.60 37.42
N PRO F 127 33.53 16.25 37.23
CA PRO F 127 33.90 14.87 37.02
C PRO F 127 34.22 14.01 38.25
N LEU F 128 33.82 12.74 38.23
CA LEU F 128 34.26 11.80 39.29
C LEU F 128 35.35 10.98 38.61
N ALA F 129 36.61 11.24 38.93
CA ALA F 129 37.75 10.64 38.20
C ALA F 129 38.11 9.24 38.67
N PRO F 130 38.54 8.34 37.74
CA PRO F 130 39.02 7.04 38.14
C PRO F 130 40.18 7.26 39.12
N SER F 131 40.19 6.54 40.24
CA SER F 131 41.16 6.86 41.32
C SER F 131 42.34 5.91 41.41
N SER F 132 43.38 6.35 42.12
CA SER F 132 44.62 5.56 42.26
C SER F 132 44.39 4.48 43.29
N LYS F 133 43.41 3.62 43.03
CA LYS F 133 43.15 2.43 43.86
C LYS F 133 43.56 1.28 42.95
N SER F 134 44.37 1.58 41.93
CA SER F 134 44.70 0.55 40.89
C SER F 134 45.32 -0.72 41.48
N THR F 135 44.76 -1.87 41.08
CA THR F 135 43.44 -1.89 40.37
C THR F 135 42.32 -2.37 41.30
N SER F 136 41.09 -1.87 41.13
CA SER F 136 39.95 -2.35 41.93
C SER F 136 39.28 -3.58 41.27
N GLY F 137 40.02 -4.70 41.16
CA GLY F 137 39.49 -5.93 40.55
C GLY F 137 39.77 -6.05 39.06
N GLY F 138 40.61 -5.19 38.50
CA GLY F 138 40.82 -5.21 37.04
C GLY F 138 39.80 -4.29 36.43
N THR F 139 38.93 -3.74 37.27
CA THR F 139 37.85 -2.84 36.80
C THR F 139 38.01 -1.52 37.55
N ALA F 140 37.71 -0.41 36.89
CA ALA F 140 37.79 0.92 37.53
C ALA F 140 36.47 1.66 37.36
N ALA F 141 36.10 2.47 38.34
CA ALA F 141 34.86 3.23 38.29
C ALA F 141 35.14 4.71 38.06
N LEU F 142 34.41 5.31 37.12
CA LEU F 142 34.55 6.75 36.83
C LEU F 142 33.13 7.30 36.70
N GLY F 143 32.99 8.61 36.77
CA GLY F 143 31.65 9.17 36.58
C GLY F 143 31.59 10.66 36.39
N CYS F 144 30.36 11.19 36.36
CA CYS F 144 30.13 12.65 36.25
C CYS F 144 29.16 13.03 37.38
N LEU F 145 29.32 14.22 37.95
CA LEU F 145 28.35 14.69 38.96
C LEU F 145 27.49 15.80 38.35
N VAL F 146 26.20 15.55 38.20
CA VAL F 146 25.26 16.59 37.68
C VAL F 146 24.63 17.24 38.91
N LYS F 147 24.79 18.55 39.07
CA LYS F 147 24.36 19.23 40.31
C LYS F 147 23.69 20.57 40.03
N ASP F 148 22.90 21.08 40.98
CA ASP F 148 22.27 22.42 40.87
C ASP F 148 21.34 22.61 39.67
N TYR F 149 20.32 21.77 39.53
CA TYR F 149 19.37 21.87 38.39
C TYR F 149 17.91 21.81 38.80
N PHE F 150 17.06 22.54 38.08
CA PHE F 150 15.59 22.48 38.26
C PHE F 150 15.02 22.88 36.91
N PRO F 151 13.86 22.38 36.46
CA PRO F 151 13.22 21.23 37.06
C PRO F 151 13.79 19.90 36.58
N GLU F 152 13.27 18.79 37.08
CA GLU F 152 13.67 17.49 36.53
C GLU F 152 12.99 17.41 35.17
N PRO F 153 13.51 16.70 34.16
CA PRO F 153 14.68 15.86 34.29
C PRO F 153 15.98 16.15 33.54
N VAL F 154 17.08 15.52 33.97
CA VAL F 154 18.36 15.60 33.20
C VAL F 154 18.60 14.22 32.61
N THR F 155 19.12 14.13 31.39
CA THR F 155 19.47 12.84 30.75
C THR F 155 20.99 12.73 30.70
N VAL F 156 21.53 11.61 31.11
CA VAL F 156 23.01 11.41 31.03
C VAL F 156 23.33 10.21 30.13
N SER F 157 24.21 10.41 29.15
CA SER F 157 24.65 9.32 28.25
C SER F 157 26.17 9.28 28.27
N TRP F 158 26.76 8.15 27.92
CA TRP F 158 28.24 8.02 28.01
C TRP F 158 28.82 7.70 26.64
N ASN F 159 29.86 8.44 26.25
CA ASN F 159 30.54 8.23 24.95
C ASN F 159 29.51 8.34 23.83
N SER F 160 28.61 9.31 23.93
CA SER F 160 27.59 9.58 22.87
C SER F 160 26.77 8.34 22.55
N GLY F 161 26.49 7.50 23.55
CA GLY F 161 25.62 6.33 23.32
C GLY F 161 26.39 5.05 23.16
N ALA F 162 27.68 5.17 22.88
CA ALA F 162 28.52 3.98 22.67
C ALA F 162 28.65 3.18 23.96
N LEU F 163 28.77 3.87 25.09
CA LEU F 163 28.92 3.19 26.39
C LEU F 163 27.53 3.04 27.02
N THR F 164 27.05 1.81 27.12
CA THR F 164 25.75 1.50 27.74
C THR F 164 25.97 0.42 28.80
N SER F 165 27.18 -0.14 28.89
CA SER F 165 27.44 -1.28 29.79
C SER F 165 28.17 -0.85 31.06
N GLY F 166 27.60 -1.15 32.22
CA GLY F 166 28.20 -0.77 33.50
C GLY F 166 27.78 0.60 33.92
N VAL F 167 26.86 1.21 33.19
CA VAL F 167 26.48 2.62 33.47
C VAL F 167 25.34 2.64 34.48
N HIS F 168 25.55 3.33 35.59
CA HIS F 168 24.46 3.52 36.56
C HIS F 168 24.23 5.01 36.71
N THR F 169 23.05 5.49 36.34
CA THR F 169 22.69 6.90 36.59
C THR F 169 21.74 6.85 37.78
N PHE F 170 22.11 7.52 38.85
CA PHE F 170 21.31 7.42 40.10
C PHE F 170 20.11 8.36 40.05
N PRO F 171 18.99 7.98 40.70
CA PRO F 171 17.85 8.86 40.79
C PRO F 171 18.24 10.18 41.46
N ALA F 172 17.66 11.29 41.03
CA ALA F 172 18.02 12.60 41.58
C ALA F 172 17.48 12.81 42.99
N VAL F 173 18.22 13.53 43.81
CA VAL F 173 17.80 13.83 45.20
C VAL F 173 17.60 15.34 45.28
N LEU F 174 16.50 15.79 45.91
CA LEU F 174 16.25 17.23 46.07
C LEU F 174 17.11 17.75 47.22
N GLN F 175 17.96 18.72 46.92
CA GLN F 175 18.81 19.34 47.95
C GLN F 175 17.97 20.41 48.66
N SER F 176 18.45 20.95 49.77
CA SER F 176 17.71 21.99 50.54
C SER F 176 17.56 23.23 49.67
N SER F 177 18.45 23.40 48.70
CA SER F 177 18.44 24.57 47.79
C SER F 177 17.15 24.60 46.99
N GLY F 178 16.48 23.46 46.86
CA GLY F 178 15.30 23.38 45.99
C GLY F 178 15.78 22.95 44.64
N LEU F 179 17.04 22.54 44.58
CA LEU F 179 17.64 22.14 43.31
C LEU F 179 17.99 20.67 43.38
N TYR F 180 17.96 19.97 42.26
CA TYR F 180 18.23 18.52 42.22
C TYR F 180 19.69 18.25 41.89
N SER F 181 20.18 17.08 42.28
CA SER F 181 21.56 16.67 41.94
C SER F 181 21.57 15.17 41.62
N LEU F 182 22.42 14.74 40.68
CA LEU F 182 22.56 13.29 40.39
C LEU F 182 24.01 12.90 40.12
N SER F 183 24.29 11.61 40.18
CA SER F 183 25.63 11.10 39.81
C SER F 183 25.45 10.02 38.75
N SER F 184 26.33 9.97 37.76
CA SER F 184 26.32 8.87 36.78
C SER F 184 27.67 8.21 36.87
N VAL F 185 27.71 6.90 37.01
CA VAL F 185 29.00 6.18 37.16
C VAL F 185 29.07 5.07 36.11
N VAL F 186 30.26 4.80 35.59
CA VAL F 186 30.45 3.66 34.64
C VAL F 186 31.63 2.82 35.12
N THR F 187 31.50 1.50 35.09
CA THR F 187 32.60 0.59 35.49
C THR F 187 33.31 0.15 34.21
N VAL F 188 34.60 0.42 34.09
CA VAL F 188 35.33 0.16 32.81
C VAL F 188 36.63 -0.58 33.11
N PRO F 189 37.25 -1.26 32.13
CA PRO F 189 38.54 -1.89 32.35
C PRO F 189 39.63 -0.85 32.65
N SER F 190 40.52 -1.15 33.59
CA SER F 190 41.63 -0.22 33.95
C SER F 190 42.62 -0.14 32.80
N SER F 191 42.69 -1.17 31.98
CA SER F 191 43.58 -1.17 30.80
C SER F 191 43.17 -0.05 29.84
N SER F 192 41.87 0.17 29.68
CA SER F 192 41.31 1.19 28.76
C SER F 192 41.55 2.63 29.21
N LEU F 193 41.80 2.86 30.49
CA LEU F 193 41.84 4.26 30.98
C LEU F 193 42.91 5.09 30.27
N GLY F 194 44.09 4.55 30.02
CA GLY F 194 45.10 5.28 29.23
C GLY F 194 44.70 5.47 27.77
N THR F 195 44.07 4.46 27.17
CA THR F 195 43.76 4.48 25.72
C THR F 195 42.39 5.12 25.42
N GLN F 196 41.29 4.50 25.84
CA GLN F 196 39.93 4.99 25.51
C GLN F 196 39.63 6.31 26.20
N THR F 197 38.77 7.13 25.58
CA THR F 197 38.41 8.44 26.15
C THR F 197 36.96 8.37 26.62
N TYR F 198 36.70 8.74 27.87
CA TYR F 198 35.32 8.62 28.44
C TYR F 198 34.76 10.02 28.65
N ILE F 199 33.69 10.33 27.95
CA ILE F 199 33.05 11.68 28.02
C ILE F 199 31.59 11.47 28.42
N CYS F 200 31.08 12.24 29.37
CA CYS F 200 29.65 12.13 29.70
C CYS F 200 28.86 13.21 28.99
N ASN F 201 27.70 12.83 28.46
CA ASN F 201 26.83 13.79 27.75
C ASN F 201 25.64 14.06 28.65
N VAL F 202 25.48 15.30 29.12
CA VAL F 202 24.38 15.67 30.04
C VAL F 202 23.45 16.61 29.29
N ASN F 203 22.16 16.32 29.29
CA ASN F 203 21.20 17.23 28.65
C ASN F 203 20.10 17.59 29.63
N HIS F 204 19.95 18.88 29.93
CA HIS F 204 18.79 19.32 30.74
C HIS F 204 17.94 20.13 29.76
N LYS F 205 16.94 19.49 29.19
CA LYS F 205 16.07 20.17 28.19
C LYS F 205 15.31 21.33 28.82
N PRO F 206 14.82 21.30 30.07
CA PRO F 206 14.07 22.42 30.59
C PRO F 206 14.86 23.75 30.53
N SER F 207 16.17 23.73 30.75
CA SER F 207 17.03 24.94 30.68
C SER F 207 17.71 25.06 29.32
N ASN F 208 17.44 24.14 28.41
CA ASN F 208 18.12 24.14 27.08
C ASN F 208 19.63 24.13 27.31
N THR F 209 20.12 23.23 28.17
CA THR F 209 21.56 23.13 28.46
C THR F 209 22.10 21.74 28.11
N LYS F 210 23.16 21.67 27.30
CA LYS F 210 23.81 20.38 27.01
C LYS F 210 25.28 20.53 27.41
N VAL F 211 25.81 19.62 28.23
CA VAL F 211 27.22 19.68 28.67
C VAL F 211 27.95 18.38 28.31
N ASP F 212 29.10 18.49 27.64
CA ASP F 212 29.91 17.28 27.38
C ASP F 212 31.17 17.39 28.26
N LYS F 213 31.31 16.49 29.23
CA LYS F 213 32.46 16.55 30.18
C LYS F 213 33.29 15.28 30.06
N ARG F 214 34.60 15.42 29.91
CA ARG F 214 35.51 14.26 29.78
C ARG F 214 36.09 13.90 31.15
N VAL F 215 36.29 12.60 31.39
CA VAL F 215 36.82 12.14 32.70
C VAL F 215 38.18 11.46 32.49
C1 NAG G . -0.70 21.44 -72.67
C2 NAG G . -1.84 22.44 -72.62
C3 NAG G . -2.98 21.96 -73.52
C4 NAG G . -2.44 21.75 -74.92
C5 NAG G . -1.27 20.77 -74.90
C6 NAG G . -0.68 20.62 -76.29
C7 NAG G . -2.85 23.73 -70.84
C8 NAG G . -3.70 23.62 -69.62
N2 NAG G . -2.28 22.61 -71.25
O3 NAG G . -4.04 22.91 -73.60
O4 NAG G . -3.47 21.24 -75.77
O5 NAG G . -0.26 21.26 -74.02
O6 NAG G . -0.12 21.87 -76.69
O7 NAG G . -2.70 24.79 -71.42
C1 NAG H . -35.65 13.09 -20.91
C2 NAG H . -34.92 12.53 -22.12
C3 NAG H . -34.52 13.65 -23.05
C4 NAG H . -35.75 14.45 -23.43
C5 NAG H . -36.45 14.95 -22.19
C6 NAG H . -37.74 15.68 -22.56
C7 NAG H . -33.52 10.56 -22.10
C8 NAG H . -32.20 9.98 -21.69
N2 NAG H . -33.73 11.81 -21.71
O3 NAG H . -33.92 13.12 -24.24
O4 NAG H . -35.37 15.57 -24.26
O5 NAG H . -36.77 13.86 -21.34
O6 NAG H . -38.65 14.75 -23.13
O7 NAG H . -34.33 9.95 -22.75
#